data_7QUJ
#
_entry.id   7QUJ
#
_cell.length_a   68.753
_cell.length_b   106.680
_cell.length_c   142.876
_cell.angle_alpha   90.000
_cell.angle_beta   90.000
_cell.angle_gamma   90.000
#
_symmetry.space_group_name_H-M   'P 21 21 21'
#
loop_
_entity.id
_entity.type
_entity.pdbx_description
1 polymer NsNEPS2
2 non-polymer NICOTINAMIDE-ADENINE-DINUCLEOTIDE
3 water water
#
_entity_poly.entity_id   1
_entity_poly.type   'polypeptide(L)'
_entity_poly.pdbx_seq_one_letter_code
;MAHHHHHHSSGLEVLFQGPGHKKKLEGKVAIVTGGASGIGETAARIFADHGARAVVIADIQSELGRMVAESIGAKRCSYV
QCDIADEEQVKSAVEWTATTYGGLDVMFCNAGIMSHSDSGQTVMELDMSKFDEVMRVNTRGTAACVKQAARKMVELGTRG
GAIICTSSPLATRGGHVDTDYVMSKHAVLGLVRSASMQLGAHGIRVNSVSPMAVLTPLTRRMGLATPADVENALGRFTSL
KGVALTAEHVAEAAAFLASDEAAFITGHDLVVDGGLLCLPFAAHS
;
_entity_poly.pdbx_strand_id   A,B,C,D
#
# COMPACT_ATOMS: atom_id res chain seq x y z
N LYS A 22 7.47 -2.05 35.68
CA LYS A 22 6.37 -1.10 35.54
C LYS A 22 5.29 -1.67 34.62
N LYS A 23 4.03 -1.38 34.93
CA LYS A 23 2.93 -1.78 34.09
C LYS A 23 2.82 -0.86 32.88
N LYS A 24 2.55 -1.46 31.73
CA LYS A 24 2.60 -0.77 30.45
C LYS A 24 1.69 0.46 30.40
N LEU A 25 0.55 0.43 31.10
CA LEU A 25 -0.39 1.54 31.06
C LEU A 25 -0.52 2.22 32.43
N GLU A 26 0.46 2.04 33.30
CA GLU A 26 0.40 2.63 34.64
C GLU A 26 0.02 4.11 34.59
N GLY A 27 -0.97 4.48 35.41
CA GLY A 27 -1.34 5.87 35.56
C GLY A 27 -2.26 6.44 34.48
N LYS A 28 -2.60 5.68 33.45
CA LYS A 28 -3.33 6.24 32.32
C LYS A 28 -4.84 6.14 32.50
N VAL A 29 -5.56 7.14 31.99
CA VAL A 29 -7.01 7.14 31.94
C VAL A 29 -7.44 6.80 30.51
N ALA A 30 -8.26 5.77 30.35
CA ALA A 30 -8.63 5.31 29.02
C ALA A 30 -10.14 5.27 28.87
N ILE A 31 -10.62 5.63 27.67
CA ILE A 31 -12.03 5.42 27.28
C ILE A 31 -12.06 4.30 26.24
N VAL A 32 -12.99 3.35 26.40
CA VAL A 32 -13.20 2.31 25.40
C VAL A 32 -14.66 2.41 24.94
N THR A 33 -14.88 2.86 23.71
CA THR A 33 -16.23 2.80 23.16
C THR A 33 -16.53 1.39 22.71
N GLY A 34 -17.80 1.02 22.79
CA GLY A 34 -18.21 -0.36 22.56
C GLY A 34 -17.63 -1.35 23.55
N GLY A 35 -17.37 -0.92 24.77
CA GLY A 35 -16.68 -1.74 25.74
C GLY A 35 -17.60 -2.65 26.54
N ALA A 36 -18.88 -2.67 26.24
CA ALA A 36 -19.81 -3.59 26.90
C ALA A 36 -19.76 -5.01 26.33
N SER A 37 -19.04 -5.23 25.24
CA SER A 37 -19.17 -6.49 24.53
C SER A 37 -17.90 -6.73 23.71
N GLY A 38 -17.63 -7.99 23.41
CA GLY A 38 -16.72 -8.34 22.31
C GLY A 38 -15.32 -7.79 22.52
N ILE A 39 -14.75 -7.23 21.45
CA ILE A 39 -13.37 -6.76 21.53
C ILE A 39 -13.21 -5.67 22.58
N GLY A 40 -14.16 -4.73 22.64
CA GLY A 40 -14.02 -3.62 23.57
C GLY A 40 -14.09 -4.04 25.03
N GLU A 41 -14.96 -5.01 25.35
CA GLU A 41 -14.98 -5.55 26.71
C GLU A 41 -13.63 -6.14 27.08
N THR A 42 -13.05 -6.95 26.19
CA THR A 42 -11.75 -7.54 26.50
C THR A 42 -10.66 -6.49 26.61
N ALA A 43 -10.69 -5.48 25.73
CA ALA A 43 -9.72 -4.39 25.80
C ALA A 43 -9.79 -3.68 27.14
N ALA A 44 -11.01 -3.38 27.62
CA ALA A 44 -11.16 -2.74 28.92
C ALA A 44 -10.52 -3.57 30.03
N ARG A 45 -10.75 -4.89 30.04
CA ARG A 45 -10.14 -5.77 31.02
C ARG A 45 -8.63 -5.79 30.90
N ILE A 46 -8.12 -5.90 29.67
CA ILE A 46 -6.68 -5.98 29.46
C ILE A 46 -6.02 -4.64 29.79
N PHE A 47 -6.66 -3.51 29.47
CA PHE A 47 -6.08 -2.21 29.84
C PHE A 47 -5.92 -2.10 31.35
N ALA A 48 -6.98 -2.45 32.09
CA ALA A 48 -6.88 -2.46 33.54
C ALA A 48 -5.79 -3.43 34.01
N ASP A 49 -5.70 -4.62 33.39
CA ASP A 49 -4.66 -5.58 33.74
C ASP A 49 -3.27 -5.00 33.54
N HIS A 50 -3.10 -4.14 32.53
CA HIS A 50 -1.82 -3.51 32.26
C HIS A 50 -1.62 -2.25 33.08
N GLY A 51 -2.46 -2.03 34.07
CA GLY A 51 -2.24 -1.01 35.07
C GLY A 51 -2.91 0.31 34.82
N ALA A 52 -3.86 0.37 33.88
CA ALA A 52 -4.55 1.63 33.64
C ALA A 52 -5.17 2.12 34.95
N ARG A 53 -5.06 3.44 35.18
CA ARG A 53 -5.59 4.03 36.39
C ARG A 53 -7.11 3.99 36.41
N ALA A 54 -7.73 4.21 35.26
CA ALA A 54 -9.18 4.20 35.14
C ALA A 54 -9.51 3.79 33.71
N VAL A 55 -10.52 2.95 33.55
CA VAL A 55 -11.08 2.62 32.24
C VAL A 55 -12.54 3.02 32.25
N VAL A 56 -12.94 3.85 31.28
CA VAL A 56 -14.34 4.23 31.14
C VAL A 56 -14.90 3.50 29.93
N ILE A 57 -15.96 2.71 30.14
CA ILE A 57 -16.64 2.03 29.06
C ILE A 57 -17.80 2.91 28.59
N ALA A 58 -17.81 3.22 27.29
CA ALA A 58 -18.88 3.99 26.67
C ALA A 58 -19.62 3.07 25.70
N ASP A 59 -20.93 2.91 25.92
CA ASP A 59 -21.67 1.95 25.10
C ASP A 59 -23.15 2.31 25.20
N ILE A 60 -23.98 1.50 24.56
CA ILE A 60 -25.43 1.70 24.61
C ILE A 60 -26.14 0.49 25.20
N GLN A 61 -25.41 -0.41 25.83
CA GLN A 61 -25.98 -1.59 26.49
C GLN A 61 -25.69 -1.43 27.97
N SER A 62 -26.60 -0.74 28.65
CA SER A 62 -26.38 -0.31 30.02
C SER A 62 -26.11 -1.48 30.96
N GLU A 63 -26.98 -2.49 30.93
CA GLU A 63 -26.85 -3.56 31.91
C GLU A 63 -25.60 -4.39 31.65
N LEU A 64 -25.31 -4.68 30.38
CA LEU A 64 -24.08 -5.39 30.05
C LEU A 64 -22.86 -4.57 30.45
N GLY A 65 -22.87 -3.27 30.15
CA GLY A 65 -21.69 -2.45 30.43
C GLY A 65 -21.42 -2.28 31.92
N ARG A 66 -22.47 -2.16 32.72
CA ARG A 66 -22.23 -2.07 34.16
C ARG A 66 -21.77 -3.41 34.74
N MET A 67 -22.22 -4.53 34.17
CA MET A 67 -21.64 -5.82 34.52
C MET A 67 -20.12 -5.83 34.30
N VAL A 68 -19.68 -5.42 33.11
CA VAL A 68 -18.25 -5.41 32.81
C VAL A 68 -17.52 -4.52 33.79
N ALA A 69 -18.04 -3.30 34.01
CA ALA A 69 -17.36 -2.34 34.87
C ALA A 69 -17.27 -2.86 36.30
N GLU A 70 -18.35 -3.47 36.80
CA GLU A 70 -18.30 -4.04 38.15
C GLU A 70 -17.28 -5.18 38.21
N SER A 71 -17.22 -6.00 37.16
CA SER A 71 -16.28 -7.12 37.14
C SER A 71 -14.83 -6.63 37.14
N ILE A 72 -14.51 -5.62 36.33
CA ILE A 72 -13.15 -5.09 36.37
C ILE A 72 -12.85 -4.46 37.72
N GLY A 73 -13.83 -3.79 38.32
CA GLY A 73 -13.67 -3.17 39.63
C GLY A 73 -14.10 -1.71 39.63
N ALA A 74 -15.09 -1.37 40.47
CA ALA A 74 -15.67 -0.04 40.44
C ALA A 74 -14.68 1.05 40.80
N LYS A 75 -13.60 0.68 41.51
CA LYS A 75 -12.57 1.64 41.86
C LYS A 75 -11.75 2.07 40.65
N ARG A 76 -11.72 1.26 39.59
CA ARG A 76 -10.88 1.52 38.43
C ARG A 76 -11.65 1.49 37.10
N CYS A 77 -12.96 1.33 37.11
CA CYS A 77 -13.71 1.22 35.86
C CYS A 77 -15.11 1.76 36.06
N SER A 78 -15.57 2.57 35.13
CA SER A 78 -16.91 3.13 35.17
C SER A 78 -17.56 2.93 33.83
N TYR A 79 -18.90 2.98 33.82
CA TYR A 79 -19.70 2.89 32.60
C TYR A 79 -20.42 4.22 32.34
N VAL A 80 -20.42 4.66 31.09
CA VAL A 80 -21.21 5.80 30.63
C VAL A 80 -22.06 5.38 29.43
N GLN A 81 -23.35 5.68 29.48
CA GLN A 81 -24.21 5.49 28.30
C GLN A 81 -23.89 6.55 27.27
N CYS A 82 -23.59 6.13 26.03
CA CYS A 82 -23.10 7.08 25.03
C CYS A 82 -23.28 6.51 23.64
N ASP A 83 -24.15 7.13 22.85
CA ASP A 83 -24.32 6.82 21.44
C ASP A 83 -23.25 7.59 20.68
N ILE A 84 -22.22 6.89 20.18
CA ILE A 84 -21.09 7.59 19.58
C ILE A 84 -21.45 8.33 18.30
N ALA A 85 -22.60 8.04 17.70
CA ALA A 85 -23.01 8.82 16.54
C ALA A 85 -23.62 10.15 16.92
N ASP A 86 -23.86 10.40 18.20
CA ASP A 86 -24.36 11.69 18.68
C ASP A 86 -23.18 12.47 19.25
N GLU A 87 -22.73 13.50 18.52
CA GLU A 87 -21.52 14.20 18.96
C GLU A 87 -21.67 14.79 20.35
N GLU A 88 -22.87 15.25 20.72
CA GLU A 88 -23.06 15.82 22.05
C GLU A 88 -22.86 14.79 23.14
N GLN A 89 -23.34 13.56 22.93
CA GLN A 89 -23.15 12.54 23.94
C GLN A 89 -21.68 12.15 24.05
N VAL A 90 -20.96 12.12 22.93
CA VAL A 90 -19.52 11.84 22.96
C VAL A 90 -18.78 12.91 23.75
N LYS A 91 -19.08 14.17 23.44
CA LYS A 91 -18.43 15.27 24.16
C LYS A 91 -18.74 15.18 25.65
N SER A 92 -19.99 14.83 25.98
CA SER A 92 -20.35 14.72 27.39
C SER A 92 -19.62 13.56 28.07
N ALA A 93 -19.51 12.41 27.41
CA ALA A 93 -18.78 11.29 28.01
C ALA A 93 -17.31 11.62 28.18
N VAL A 94 -16.73 12.31 27.21
CA VAL A 94 -15.32 12.72 27.30
C VAL A 94 -15.12 13.71 28.44
N GLU A 95 -16.03 14.67 28.61
CA GLU A 95 -15.88 15.65 29.70
C GLU A 95 -16.03 14.98 31.06
N TRP A 96 -17.00 14.07 31.18
CA TRP A 96 -17.23 13.38 32.44
C TRP A 96 -16.01 12.54 32.84
N THR A 97 -15.39 11.87 31.86
CA THR A 97 -14.19 11.09 32.16
C THR A 97 -13.09 12.00 32.67
N ALA A 98 -12.83 13.10 31.97
CA ALA A 98 -11.72 13.98 32.33
C ALA A 98 -11.98 14.65 33.68
N THR A 99 -13.23 15.01 33.96
CA THR A 99 -13.51 15.67 35.22
C THR A 99 -13.46 14.69 36.39
N THR A 100 -13.94 13.46 36.18
CA THR A 100 -13.99 12.48 37.27
C THR A 100 -12.60 11.98 37.60
N TYR A 101 -11.78 11.72 36.59
CA TYR A 101 -10.51 11.05 36.80
C TYR A 101 -9.31 11.96 36.62
N GLY A 102 -9.50 13.20 36.18
CA GLY A 102 -8.44 14.17 36.14
C GLY A 102 -7.54 14.13 34.92
N GLY A 103 -7.82 13.27 33.95
CA GLY A 103 -7.02 13.21 32.75
C GLY A 103 -7.74 12.42 31.69
N LEU A 104 -7.12 12.39 30.51
CA LEU A 104 -7.53 11.51 29.43
C LEU A 104 -6.29 11.16 28.62
N ASP A 105 -5.86 9.90 28.70
CA ASP A 105 -4.65 9.49 28.02
C ASP A 105 -4.88 8.59 26.82
N VAL A 106 -5.92 7.77 26.84
CA VAL A 106 -6.15 6.78 25.79
C VAL A 106 -7.61 6.83 25.37
N MET A 107 -7.85 6.94 24.06
CA MET A 107 -9.21 6.84 23.51
C MET A 107 -9.16 5.68 22.54
N PHE A 108 -9.88 4.60 22.83
CA PHE A 108 -9.97 3.44 21.96
C PHE A 108 -11.35 3.49 21.31
N CYS A 109 -11.40 3.97 20.07
CA CYS A 109 -12.61 4.21 19.29
C CYS A 109 -12.93 2.90 18.61
N ASN A 110 -13.71 2.08 19.30
CA ASN A 110 -13.88 0.70 18.95
C ASN A 110 -15.30 0.33 18.55
N ALA A 111 -16.31 1.10 18.96
CA ALA A 111 -17.68 0.75 18.61
C ALA A 111 -17.86 0.72 17.09
N GLY A 112 -18.62 -0.25 16.61
CA GLY A 112 -18.93 -0.32 15.19
C GLY A 112 -20.02 -1.33 14.96
N ILE A 113 -20.63 -1.25 13.78
CA ILE A 113 -21.74 -2.13 13.42
C ILE A 113 -21.56 -2.62 11.99
N MET A 114 -22.35 -3.63 11.64
CA MET A 114 -22.50 -4.15 10.30
C MET A 114 -23.99 -4.21 10.01
N SER A 115 -24.35 -4.37 8.74
CA SER A 115 -25.77 -4.41 8.36
C SER A 115 -26.37 -5.80 8.57
N HIS A 116 -27.69 -5.83 8.81
CA HIS A 116 -28.49 -7.06 8.82
C HIS A 116 -29.12 -7.14 7.43
N SER A 117 -28.50 -7.85 6.51
CA SER A 117 -28.95 -7.83 5.12
C SER A 117 -29.04 -9.24 4.55
N ASP A 118 -30.23 -9.60 4.07
CA ASP A 118 -30.39 -10.87 3.39
C ASP A 118 -29.52 -10.97 2.14
N SER A 119 -29.34 -9.85 1.43
CA SER A 119 -28.58 -9.82 0.19
C SER A 119 -27.08 -9.61 0.39
N GLY A 120 -26.63 -9.43 1.63
CA GLY A 120 -25.21 -9.36 1.92
C GLY A 120 -24.58 -7.99 1.70
N GLN A 121 -25.36 -6.97 1.33
CA GLN A 121 -24.83 -5.66 0.96
C GLN A 121 -23.78 -5.77 -0.14
N THR A 122 -24.04 -6.62 -1.14
CA THR A 122 -23.27 -6.55 -2.37
C THR A 122 -23.58 -5.24 -3.08
N VAL A 123 -22.67 -4.84 -3.97
CA VAL A 123 -22.90 -3.63 -4.75
C VAL A 123 -24.20 -3.76 -5.53
N MET A 124 -24.45 -4.92 -6.13
CA MET A 124 -25.65 -5.03 -6.96
C MET A 124 -26.93 -4.90 -6.15
N GLU A 125 -26.90 -5.33 -4.88
CA GLU A 125 -28.10 -5.31 -4.05
C GLU A 125 -27.96 -4.35 -2.87
N LEU A 126 -27.18 -3.29 -3.05
CA LEU A 126 -26.86 -2.42 -1.94
C LEU A 126 -28.10 -1.73 -1.41
N ASP A 127 -28.45 -2.02 -0.16
CA ASP A 127 -29.54 -1.35 0.51
C ASP A 127 -29.02 0.00 1.02
N MET A 128 -29.46 1.09 0.39
CA MET A 128 -28.84 2.38 0.69
C MET A 128 -29.18 2.88 2.08
N SER A 129 -30.36 2.51 2.63
CA SER A 129 -30.69 2.94 3.98
C SER A 129 -29.91 2.16 5.03
N LYS A 130 -29.57 0.89 4.76
CA LYS A 130 -28.68 0.19 5.67
C LYS A 130 -27.27 0.73 5.56
N PHE A 131 -26.82 1.00 4.34
CA PHE A 131 -25.53 1.70 4.14
C PHE A 131 -25.45 2.95 5.00
N ASP A 132 -26.52 3.75 4.98
CA ASP A 132 -26.55 5.00 5.75
C ASP A 132 -26.27 4.74 7.22
N GLU A 133 -26.93 3.73 7.79
CA GLU A 133 -26.77 3.46 9.21
C GLU A 133 -25.34 3.00 9.53
N VAL A 134 -24.78 2.11 8.71
CA VAL A 134 -23.41 1.65 8.91
C VAL A 134 -22.43 2.82 8.83
N MET A 135 -22.56 3.68 7.81
CA MET A 135 -21.69 4.87 7.74
C MET A 135 -21.91 5.83 8.89
N ARG A 136 -23.14 6.00 9.36
CA ARG A 136 -23.40 6.93 10.46
C ARG A 136 -22.66 6.52 11.73
N VAL A 137 -22.72 5.24 12.09
CA VAL A 137 -22.00 4.82 13.29
C VAL A 137 -20.51 4.75 13.03
N ASN A 138 -20.10 4.04 11.97
CA ASN A 138 -18.68 3.68 11.84
C ASN A 138 -17.82 4.86 11.39
N THR A 139 -18.35 5.77 10.55
CA THR A 139 -17.54 6.91 10.12
C THR A 139 -17.90 8.18 10.88
N ARG A 140 -19.18 8.51 10.96
CA ARG A 140 -19.55 9.73 11.67
C ARG A 140 -19.26 9.61 13.17
N GLY A 141 -19.63 8.47 13.77
CA GLY A 141 -19.38 8.28 15.18
C GLY A 141 -17.90 8.23 15.51
N THR A 142 -17.14 7.46 14.74
CA THR A 142 -15.70 7.39 14.99
C THR A 142 -15.05 8.75 14.83
N ALA A 143 -15.44 9.51 13.80
CA ALA A 143 -14.88 10.85 13.63
C ALA A 143 -15.19 11.74 14.82
N ALA A 144 -16.43 11.67 15.35
CA ALA A 144 -16.78 12.48 16.52
C ALA A 144 -15.97 12.07 17.74
N CYS A 145 -15.68 10.77 17.87
CA CYS A 145 -14.92 10.29 19.01
C CYS A 145 -13.47 10.79 18.96
N VAL A 146 -12.86 10.72 17.78
CA VAL A 146 -11.50 11.23 17.60
C VAL A 146 -11.45 12.73 17.88
N LYS A 147 -12.38 13.48 17.27
CA LYS A 147 -12.43 14.92 17.49
C LYS A 147 -12.54 15.27 18.97
N GLN A 148 -13.55 14.73 19.66
CA GLN A 148 -13.79 15.14 21.04
C GLN A 148 -12.67 14.70 21.97
N ALA A 149 -12.11 13.49 21.75
CA ALA A 149 -10.95 13.05 22.54
C ALA A 149 -9.75 13.96 22.33
N ALA A 150 -9.45 14.30 21.08
CA ALA A 150 -8.31 15.16 20.79
C ALA A 150 -8.48 16.53 21.42
N ARG A 151 -9.67 17.13 21.25
CA ARG A 151 -9.93 18.44 21.83
C ARG A 151 -9.64 18.45 23.33
N LYS A 152 -10.08 17.40 24.03
CA LYS A 152 -9.88 17.28 25.46
C LYS A 152 -8.41 17.10 25.82
N MET A 153 -7.70 16.19 25.12
CA MET A 153 -6.29 16.03 25.46
C MET A 153 -5.50 17.31 25.21
N VAL A 154 -5.85 18.06 24.16
CA VAL A 154 -5.19 19.35 23.94
C VAL A 154 -5.48 20.32 25.09
N GLU A 155 -6.76 20.48 25.44
CA GLU A 155 -7.16 21.29 26.61
C GLU A 155 -6.44 20.88 27.90
N LEU A 156 -6.35 19.58 28.16
CA LEU A 156 -5.68 19.12 29.37
C LEU A 156 -4.17 19.21 29.28
N GLY A 157 -3.60 19.39 28.10
CA GLY A 157 -2.15 19.31 27.99
C GLY A 157 -1.63 17.89 28.14
N THR A 158 -2.45 16.91 27.79
CA THR A 158 -2.02 15.51 27.89
C THR A 158 -0.71 15.30 27.16
N ARG A 159 0.20 14.60 27.80
CA ARG A 159 1.50 14.27 27.23
C ARG A 159 1.48 12.81 26.81
N GLY A 160 1.91 12.53 25.57
CA GLY A 160 1.93 11.16 25.12
C GLY A 160 0.57 10.52 24.93
N GLY A 161 -0.45 11.30 24.59
CA GLY A 161 -1.78 10.74 24.40
C GLY A 161 -1.87 9.82 23.21
N ALA A 162 -2.89 8.95 23.22
CA ALA A 162 -3.02 7.96 22.17
C ALA A 162 -4.49 7.77 21.83
N ILE A 163 -4.78 7.74 20.53
CA ILE A 163 -6.10 7.51 20.00
C ILE A 163 -5.97 6.31 19.06
N ILE A 164 -6.76 5.28 19.30
CA ILE A 164 -6.67 4.04 18.53
C ILE A 164 -8.05 3.73 18.00
N CYS A 165 -8.17 3.40 16.72
CA CYS A 165 -9.45 3.00 16.14
C CYS A 165 -9.41 1.54 15.72
N THR A 166 -10.51 0.82 15.97
CA THR A 166 -10.56 -0.55 15.49
C THR A 166 -10.93 -0.53 14.01
N SER A 167 -10.05 -1.13 13.20
CA SER A 167 -10.29 -1.16 11.78
C SER A 167 -10.50 -2.61 11.33
N SER A 168 -9.91 -3.01 10.21
CA SER A 168 -10.19 -4.36 9.69
C SER A 168 -9.31 -4.53 8.47
N PRO A 169 -8.94 -5.75 8.08
CA PRO A 169 -8.34 -5.92 6.74
C PRO A 169 -9.20 -5.30 5.64
N LEU A 170 -10.52 -5.21 5.85
CA LEU A 170 -11.39 -4.56 4.87
C LEU A 170 -11.25 -3.05 4.85
N ALA A 171 -10.31 -2.48 5.62
CA ALA A 171 -9.95 -1.08 5.44
C ALA A 171 -8.94 -0.91 4.31
N THR A 172 -8.28 -1.97 3.88
CA THR A 172 -7.25 -1.87 2.86
C THR A 172 -7.46 -2.82 1.70
N ARG A 173 -8.52 -3.62 1.72
CA ARG A 173 -8.83 -4.51 0.61
C ARG A 173 -10.33 -4.52 0.42
N GLY A 174 -10.76 -4.82 -0.80
CA GLY A 174 -12.18 -4.88 -1.09
C GLY A 174 -12.82 -6.12 -0.48
N GLY A 175 -14.14 -6.10 -0.38
CA GLY A 175 -14.85 -7.28 0.08
C GLY A 175 -15.81 -7.83 -0.96
N HIS A 176 -16.16 -9.11 -0.85
CA HIS A 176 -17.20 -9.71 -1.68
C HIS A 176 -18.59 -9.38 -1.21
N VAL A 177 -18.74 -9.01 0.06
CA VAL A 177 -20.01 -8.67 0.69
C VAL A 177 -19.77 -7.52 1.65
N ASP A 178 -20.84 -7.03 2.29
CA ASP A 178 -20.75 -5.98 3.31
C ASP A 178 -19.96 -4.77 2.76
N THR A 179 -20.33 -4.37 1.53
CA THR A 179 -19.69 -3.25 0.86
C THR A 179 -19.79 -1.97 1.67
N ASP A 180 -20.92 -1.75 2.35
CA ASP A 180 -21.02 -0.57 3.19
C ASP A 180 -19.97 -0.60 4.30
N TYR A 181 -19.84 -1.73 4.98
CA TYR A 181 -18.82 -1.90 6.02
C TYR A 181 -17.41 -1.67 5.48
N VAL A 182 -17.11 -2.24 4.30
CA VAL A 182 -15.80 -2.04 3.69
C VAL A 182 -15.54 -0.54 3.49
N MET A 183 -16.51 0.17 2.90
CA MET A 183 -16.26 1.60 2.72
C MET A 183 -16.11 2.33 4.05
N SER A 184 -16.87 1.94 5.06
CA SER A 184 -16.77 2.60 6.36
C SER A 184 -15.38 2.39 6.97
N LYS A 185 -14.82 1.19 6.83
CA LYS A 185 -13.51 0.94 7.42
C LYS A 185 -12.39 1.60 6.61
N HIS A 186 -12.53 1.67 5.28
CA HIS A 186 -11.59 2.48 4.49
C HIS A 186 -11.60 3.92 4.99
N ALA A 187 -12.80 4.47 5.24
CA ALA A 187 -12.91 5.85 5.71
C ALA A 187 -12.27 6.03 7.08
N VAL A 188 -12.44 5.07 7.98
CA VAL A 188 -11.78 5.12 9.30
C VAL A 188 -10.27 5.22 9.13
N LEU A 189 -9.69 4.46 8.21
CA LEU A 189 -8.24 4.54 8.04
C LEU A 189 -7.83 5.92 7.52
N GLY A 190 -8.65 6.52 6.64
CA GLY A 190 -8.38 7.89 6.21
C GLY A 190 -8.41 8.89 7.36
N LEU A 191 -9.36 8.70 8.29
CA LEU A 191 -9.43 9.50 9.50
C LEU A 191 -8.20 9.30 10.37
N VAL A 192 -7.75 8.05 10.53
CA VAL A 192 -6.57 7.78 11.36
C VAL A 192 -5.35 8.45 10.76
N ARG A 193 -5.18 8.34 9.44
CA ARG A 193 -4.04 8.96 8.79
C ARG A 193 -4.08 10.47 8.94
N SER A 194 -5.24 11.07 8.70
CA SER A 194 -5.37 12.53 8.79
C SER A 194 -5.16 13.00 10.22
N ALA A 195 -5.78 12.31 11.19
CA ALA A 195 -5.65 12.71 12.58
C ALA A 195 -4.21 12.60 13.05
N SER A 196 -3.49 11.57 12.59
CA SER A 196 -2.09 11.40 12.96
C SER A 196 -1.29 12.63 12.51
N MET A 197 -1.58 13.10 11.31
CA MET A 197 -0.84 14.18 10.69
C MET A 197 -1.13 15.50 11.40
N GLN A 198 -2.38 15.68 11.82
CA GLN A 198 -2.86 16.90 12.42
C GLN A 198 -2.62 16.98 13.92
N LEU A 199 -2.60 15.85 14.62
CA LEU A 199 -2.50 15.84 16.08
C LEU A 199 -1.09 15.61 16.57
N GLY A 200 -0.16 15.22 15.68
CA GLY A 200 1.21 15.00 16.10
C GLY A 200 1.82 16.26 16.70
N ALA A 201 1.39 17.43 16.23
CA ALA A 201 1.90 18.66 16.82
C ALA A 201 1.67 18.72 18.32
N HIS A 202 0.61 18.07 18.81
CA HIS A 202 0.29 18.03 20.24
C HIS A 202 0.85 16.81 20.94
N GLY A 203 1.69 16.04 20.27
CA GLY A 203 2.20 14.82 20.88
C GLY A 203 1.22 13.66 20.87
N ILE A 204 0.07 13.79 20.22
CA ILE A 204 -0.96 12.75 20.23
C ILE A 204 -0.70 11.79 19.07
N ARG A 205 -0.67 10.50 19.36
CA ARG A 205 -0.45 9.48 18.35
C ARG A 205 -1.79 8.84 18.00
N VAL A 206 -2.02 8.60 16.71
CA VAL A 206 -3.29 8.02 16.25
C VAL A 206 -2.96 6.83 15.38
N ASN A 207 -3.49 5.66 15.73
CA ASN A 207 -3.20 4.42 15.02
C ASN A 207 -4.48 3.63 14.91
N SER A 208 -4.43 2.54 14.14
CA SER A 208 -5.55 1.62 14.10
C SER A 208 -5.04 0.20 14.36
N VAL A 209 -5.97 -0.67 14.74
CA VAL A 209 -5.68 -2.09 14.92
C VAL A 209 -6.70 -2.81 14.05
N SER A 210 -6.22 -3.72 13.20
CA SER A 210 -7.07 -4.35 12.19
C SER A 210 -7.10 -5.86 12.40
N PRO A 211 -8.05 -6.38 13.17
CA PRO A 211 -8.13 -7.82 13.41
C PRO A 211 -8.96 -8.51 12.34
N MET A 212 -8.72 -9.82 12.18
CA MET A 212 -9.52 -10.53 11.19
C MET A 212 -10.82 -11.06 11.78
N ALA A 213 -10.84 -12.26 12.35
CA ALA A 213 -12.13 -12.85 12.75
C ALA A 213 -12.06 -13.22 14.23
N VAL A 214 -12.72 -12.41 15.05
CA VAL A 214 -12.78 -12.60 16.49
C VAL A 214 -14.19 -13.07 16.81
N LEU A 215 -14.31 -14.13 17.61
CA LEU A 215 -15.65 -14.62 17.97
C LEU A 215 -16.30 -13.66 18.95
N THR A 216 -17.32 -12.95 18.49
CA THR A 216 -18.05 -11.97 19.28
C THR A 216 -19.51 -12.08 18.90
N PRO A 217 -20.40 -11.36 19.57
CA PRO A 217 -21.80 -11.33 19.09
C PRO A 217 -21.91 -10.81 17.68
N LEU A 218 -21.01 -9.90 17.26
CA LEU A 218 -21.05 -9.41 15.88
C LEU A 218 -20.77 -10.52 14.87
N THR A 219 -19.69 -11.27 15.06
CA THR A 219 -19.42 -12.33 14.08
C THR A 219 -20.38 -13.51 14.22
N ARG A 220 -20.95 -13.74 15.40
CA ARG A 220 -22.04 -14.72 15.48
C ARG A 220 -23.18 -14.34 14.54
N ARG A 221 -23.50 -13.04 14.46
CA ARG A 221 -24.55 -12.58 13.56
C ARG A 221 -24.21 -12.89 12.10
N MET A 222 -22.92 -12.92 11.76
CA MET A 222 -22.45 -13.25 10.42
C MET A 222 -22.40 -14.76 10.15
N GLY A 223 -22.71 -15.59 11.14
CA GLY A 223 -22.64 -17.03 10.97
C GLY A 223 -21.39 -17.69 11.49
N LEU A 224 -20.53 -16.96 12.20
CA LEU A 224 -19.34 -17.54 12.80
C LEU A 224 -19.53 -17.57 14.33
N ALA A 225 -20.01 -18.71 14.83
CA ALA A 225 -20.35 -18.84 16.25
C ALA A 225 -19.33 -19.62 17.06
N THR A 226 -18.52 -20.45 16.41
CA THR A 226 -17.58 -21.34 17.08
C THR A 226 -16.22 -21.26 16.42
N PRO A 227 -15.18 -21.73 17.11
CA PRO A 227 -13.85 -21.82 16.46
C PRO A 227 -13.85 -22.66 15.21
N ALA A 228 -14.62 -23.75 15.19
CA ALA A 228 -14.69 -24.55 13.99
C ALA A 228 -15.29 -23.76 12.83
N ASP A 229 -16.31 -22.94 13.11
CA ASP A 229 -16.87 -22.08 12.07
C ASP A 229 -15.78 -21.20 11.47
N VAL A 230 -14.95 -20.62 12.34
CA VAL A 230 -13.89 -19.75 11.86
C VAL A 230 -12.90 -20.53 11.01
N GLU A 231 -12.48 -21.70 11.50
CA GLU A 231 -11.54 -22.51 10.75
C GLU A 231 -12.11 -22.91 9.39
N ASN A 232 -13.40 -23.28 9.35
CA ASN A 232 -13.99 -23.71 8.08
C ASN A 232 -14.10 -22.54 7.10
N ALA A 233 -14.36 -21.33 7.60
CA ALA A 233 -14.53 -20.19 6.71
C ALA A 233 -13.20 -19.56 6.30
N LEU A 234 -12.20 -19.58 7.18
CA LEU A 234 -11.00 -18.75 7.01
C LEU A 234 -9.68 -19.47 7.15
N GLY A 235 -9.67 -20.70 7.68
CA GLY A 235 -8.40 -21.36 7.96
C GLY A 235 -7.54 -21.50 6.71
N ARG A 236 -8.14 -21.93 5.61
CA ARG A 236 -7.34 -22.13 4.41
C ARG A 236 -6.88 -20.81 3.79
N PHE A 237 -7.43 -19.67 4.20
CA PHE A 237 -6.96 -18.37 3.74
C PHE A 237 -5.97 -17.72 4.70
N THR A 238 -5.58 -18.40 5.77
CA THR A 238 -4.76 -17.83 6.85
C THR A 238 -3.42 -18.54 6.87
N SER A 239 -2.34 -17.78 6.70
CA SER A 239 -1.00 -18.39 6.65
C SER A 239 -0.63 -19.05 7.97
N LEU A 240 -0.88 -18.38 9.10
CA LEU A 240 -0.39 -18.83 10.39
C LEU A 240 -1.25 -19.96 10.92
N LYS A 241 -0.61 -21.10 11.20
CA LYS A 241 -1.29 -22.29 11.71
C LYS A 241 -0.92 -22.54 13.16
N GLY A 242 -1.80 -23.25 13.86
CA GLY A 242 -1.56 -23.61 15.24
C GLY A 242 -2.08 -22.63 16.27
N VAL A 243 -2.79 -21.58 15.85
CA VAL A 243 -3.29 -20.58 16.78
C VAL A 243 -4.48 -19.91 16.12
N ALA A 244 -5.48 -19.55 16.94
CA ALA A 244 -6.66 -18.87 16.45
C ALA A 244 -6.71 -17.50 17.08
N LEU A 245 -7.14 -16.50 16.31
CA LEU A 245 -7.20 -15.14 16.83
C LEU A 245 -8.23 -15.04 17.95
N THR A 246 -7.85 -14.41 19.07
CA THR A 246 -8.74 -14.15 20.20
C THR A 246 -8.88 -12.65 20.41
N ALA A 247 -9.92 -12.27 21.17
CA ALA A 247 -10.07 -10.86 21.54
C ALA A 247 -8.90 -10.37 22.37
N GLU A 248 -8.29 -11.26 23.16
CA GLU A 248 -7.15 -10.86 23.96
C GLU A 248 -5.99 -10.45 23.06
N HIS A 249 -5.81 -11.14 21.92
CA HIS A 249 -4.76 -10.75 20.98
C HIS A 249 -4.96 -9.32 20.49
N VAL A 250 -6.20 -8.97 20.15
CA VAL A 250 -6.49 -7.63 19.68
C VAL A 250 -6.25 -6.61 20.77
N ALA A 251 -6.69 -6.92 21.98
CA ALA A 251 -6.47 -6.02 23.11
C ALA A 251 -4.99 -5.82 23.38
N GLU A 252 -4.18 -6.87 23.21
CA GLU A 252 -2.74 -6.72 23.44
C GLU A 252 -2.09 -5.80 22.40
N ALA A 253 -2.57 -5.87 21.15
CA ALA A 253 -2.07 -4.96 20.13
C ALA A 253 -2.44 -3.52 20.47
N ALA A 254 -3.68 -3.31 20.91
CA ALA A 254 -4.13 -1.97 21.31
C ALA A 254 -3.35 -1.46 22.50
N ALA A 255 -3.13 -2.32 23.51
CA ALA A 255 -2.37 -1.89 24.69
C ALA A 255 -0.94 -1.50 24.33
N PHE A 256 -0.31 -2.25 23.43
CA PHE A 256 1.01 -1.87 22.92
C PHE A 256 0.97 -0.47 22.31
N LEU A 257 0.03 -0.22 21.39
CA LEU A 257 -0.04 1.06 20.71
C LEU A 257 -0.35 2.19 21.67
N ALA A 258 -1.12 1.91 22.73
CA ALA A 258 -1.46 2.92 23.71
C ALA A 258 -0.33 3.26 24.67
N SER A 259 0.71 2.44 24.73
CA SER A 259 1.78 2.55 25.71
C SER A 259 3.02 3.25 25.17
N ASP A 260 3.98 3.49 26.08
CA ASP A 260 5.29 4.04 25.77
C ASP A 260 6.15 3.09 24.93
N GLU A 261 5.82 1.80 24.89
CA GLU A 261 6.50 0.90 23.97
C GLU A 261 6.30 1.32 22.53
N ALA A 262 5.31 2.17 22.26
CA ALA A 262 4.99 2.61 20.92
C ALA A 262 5.09 4.13 20.84
N ALA A 263 6.04 4.71 21.59
CA ALA A 263 6.08 6.16 21.75
C ALA A 263 6.28 6.92 20.44
N PHE A 264 6.82 6.28 19.40
CA PHE A 264 7.09 6.98 18.14
C PHE A 264 6.26 6.42 16.99
N ILE A 265 5.20 5.68 17.30
CA ILE A 265 4.35 5.06 16.30
C ILE A 265 3.07 5.87 16.19
N THR A 266 2.80 6.41 15.00
CA THR A 266 1.58 7.13 14.71
C THR A 266 1.27 7.02 13.22
N GLY A 267 -0.01 7.12 12.89
CA GLY A 267 -0.47 6.95 11.52
C GLY A 267 -0.41 5.52 11.01
N HIS A 268 -0.29 4.55 11.88
CA HIS A 268 0.00 3.17 11.50
C HIS A 268 -1.23 2.27 11.67
N ASP A 269 -1.43 1.38 10.72
CA ASP A 269 -2.46 0.35 10.79
C ASP A 269 -1.80 -0.95 11.24
N LEU A 270 -2.01 -1.36 12.49
CA LEU A 270 -1.39 -2.59 13.01
C LEU A 270 -2.33 -3.75 12.68
N VAL A 271 -1.90 -4.60 11.76
CA VAL A 271 -2.74 -5.68 11.22
C VAL A 271 -2.54 -6.94 12.06
N VAL A 272 -3.64 -7.56 12.47
CA VAL A 272 -3.63 -8.73 13.33
C VAL A 272 -4.50 -9.79 12.65
N ASP A 273 -3.98 -10.43 11.59
CA ASP A 273 -4.80 -11.26 10.71
C ASP A 273 -4.18 -12.62 10.40
N GLY A 274 -3.07 -12.97 11.04
CA GLY A 274 -2.47 -14.27 10.82
C GLY A 274 -1.95 -14.50 9.42
N GLY A 275 -1.67 -13.43 8.67
CA GLY A 275 -1.26 -13.57 7.28
C GLY A 275 -2.42 -13.93 6.38
N LEU A 276 -3.43 -13.07 6.31
CA LEU A 276 -4.62 -13.34 5.48
C LEU A 276 -4.28 -13.32 4.00
N LEU A 277 -4.47 -14.44 3.31
CA LEU A 277 -4.08 -14.51 1.90
C LEU A 277 -5.11 -13.83 1.01
N CYS A 278 -6.39 -13.99 1.32
CA CYS A 278 -7.45 -13.29 0.61
C CYS A 278 -8.70 -13.41 1.45
N LEU A 279 -9.68 -12.58 1.12
CA LEU A 279 -10.97 -12.68 1.78
C LEU A 279 -11.69 -13.93 1.28
N PRO A 280 -12.55 -14.53 2.11
CA PRO A 280 -13.39 -15.68 1.73
C PRO A 280 -14.12 -15.46 0.40
N LYS B 23 7.50 -11.76 32.29
CA LYS B 23 8.33 -10.99 31.35
C LYS B 23 8.12 -11.47 29.91
N LYS B 24 7.97 -10.50 29.01
CA LYS B 24 7.58 -10.71 27.61
C LYS B 24 8.31 -11.87 26.92
N LEU B 25 9.63 -11.97 27.10
CA LEU B 25 10.42 -12.94 26.36
C LEU B 25 10.96 -14.06 27.26
N GLU B 26 10.34 -14.27 28.41
CA GLU B 26 10.81 -15.24 29.40
C GLU B 26 11.21 -16.56 28.75
N GLY B 27 12.45 -16.98 28.99
CA GLY B 27 12.95 -18.28 28.59
C GLY B 27 13.27 -18.46 27.13
N LYS B 28 13.21 -17.41 26.31
CA LYS B 28 13.42 -17.54 24.87
C LYS B 28 14.89 -17.40 24.52
N VAL B 29 15.29 -18.05 23.44
CA VAL B 29 16.65 -17.91 22.90
C VAL B 29 16.55 -17.08 21.63
N ALA B 30 17.30 -15.98 21.59
CA ALA B 30 17.30 -15.05 20.47
C ALA B 30 18.68 -14.91 19.87
N ILE B 31 18.73 -14.78 18.55
CA ILE B 31 19.92 -14.34 17.83
C ILE B 31 19.65 -12.93 17.31
N VAL B 32 20.63 -12.05 17.49
CA VAL B 32 20.55 -10.68 16.97
C VAL B 32 21.72 -10.52 16.02
N THR B 33 21.47 -10.53 14.71
CA THR B 33 22.54 -10.18 13.79
C THR B 33 22.78 -8.68 13.82
N GLY B 34 24.03 -8.27 13.57
CA GLY B 34 24.40 -6.88 13.76
C GLY B 34 24.30 -6.39 15.18
N GLY B 35 24.34 -7.28 16.18
CA GLY B 35 24.18 -6.94 17.59
C GLY B 35 25.38 -6.26 18.25
N ALA B 36 26.47 -6.05 17.52
CA ALA B 36 27.63 -5.43 18.13
C ALA B 36 27.51 -3.90 18.24
N SER B 37 26.48 -3.31 17.63
CA SER B 37 26.43 -1.87 17.42
C SER B 37 24.98 -1.43 17.22
N GLY B 38 24.74 -0.14 17.48
CA GLY B 38 23.50 0.51 17.09
C GLY B 38 22.22 -0.20 17.53
N ILE B 39 21.28 -0.33 16.61
CA ILE B 39 19.97 -0.89 16.95
C ILE B 39 20.10 -2.33 17.43
N GLY B 40 20.95 -3.13 16.78
CA GLY B 40 21.13 -4.51 17.20
C GLY B 40 21.62 -4.64 18.63
N GLU B 41 22.61 -3.85 19.00
CA GLU B 41 23.09 -3.87 20.37
C GLU B 41 21.98 -3.52 21.36
N THR B 42 21.20 -2.50 21.05
CA THR B 42 20.16 -2.10 21.99
C THR B 42 19.08 -3.17 22.06
N ALA B 43 18.76 -3.80 20.92
CA ALA B 43 17.80 -4.91 20.91
C ALA B 43 18.31 -6.07 21.78
N ALA B 44 19.59 -6.42 21.63
CA ALA B 44 20.15 -7.48 22.45
C ALA B 44 19.97 -7.16 23.93
N ARG B 45 20.23 -5.91 24.32
CA ARG B 45 20.09 -5.54 25.73
C ARG B 45 18.63 -5.57 26.16
N ILE B 46 17.73 -5.04 25.32
CA ILE B 46 16.31 -5.00 25.67
C ILE B 46 15.72 -6.40 25.70
N PHE B 47 16.16 -7.29 24.79
CA PHE B 47 15.64 -8.65 24.83
C PHE B 47 16.00 -9.30 26.16
N ALA B 48 17.25 -9.12 26.59
CA ALA B 48 17.66 -9.67 27.88
C ALA B 48 16.85 -9.06 29.03
N ASP B 49 16.62 -7.74 28.99
CA ASP B 49 15.81 -7.12 30.04
C ASP B 49 14.39 -7.67 30.06
N HIS B 50 13.87 -8.13 28.92
CA HIS B 50 12.55 -8.75 28.86
C HIS B 50 12.59 -10.24 29.14
N GLY B 51 13.69 -10.75 29.68
CA GLY B 51 13.73 -12.08 30.20
C GLY B 51 14.23 -13.16 29.27
N ALA B 52 14.80 -12.79 28.12
CA ALA B 52 15.32 -13.82 27.24
C ALA B 52 16.32 -14.68 28.01
N ARG B 53 16.24 -16.00 27.80
CA ARG B 53 17.16 -16.90 28.48
C ARG B 53 18.57 -16.71 27.96
N ALA B 54 18.71 -16.55 26.64
CA ALA B 54 20.03 -16.32 26.06
C ALA B 54 19.86 -15.42 24.84
N VAL B 55 20.83 -14.53 24.64
CA VAL B 55 20.89 -13.70 23.45
C VAL B 55 22.25 -13.96 22.82
N VAL B 56 22.26 -14.27 21.52
CA VAL B 56 23.50 -14.48 20.78
C VAL B 56 23.67 -13.32 19.82
N ILE B 57 24.77 -12.60 19.96
CA ILE B 57 25.11 -11.51 19.06
C ILE B 57 25.94 -12.09 17.93
N ALA B 58 25.46 -11.93 16.70
CA ALA B 58 26.16 -12.40 15.51
C ALA B 58 26.58 -11.16 14.71
N ASP B 59 27.89 -10.98 14.54
CA ASP B 59 28.38 -9.77 13.91
C ASP B 59 29.75 -10.07 13.30
N ILE B 60 30.37 -9.03 12.73
CA ILE B 60 31.73 -9.12 12.22
C ILE B 60 32.70 -8.24 13.00
N GLN B 61 32.23 -7.47 13.99
CA GLN B 61 33.11 -6.63 14.82
C GLN B 61 33.32 -7.35 16.15
N SER B 62 34.38 -8.16 16.22
CA SER B 62 34.48 -9.09 17.35
C SER B 62 34.81 -8.38 18.64
N GLU B 63 35.70 -7.38 18.61
CA GLU B 63 36.04 -6.70 19.86
C GLU B 63 34.80 -5.99 20.42
N LEU B 64 34.12 -5.24 19.57
CA LEU B 64 32.92 -4.55 19.99
C LEU B 64 31.86 -5.54 20.46
N GLY B 65 31.68 -6.63 19.70
CA GLY B 65 30.62 -7.57 20.03
C GLY B 65 30.87 -8.31 21.33
N ARG B 66 32.13 -8.68 21.58
CA ARG B 66 32.43 -9.32 22.85
C ARG B 66 32.19 -8.36 24.01
N MET B 67 32.46 -7.07 23.83
CA MET B 67 32.16 -6.13 24.92
C MET B 67 30.66 -6.04 25.19
N VAL B 68 29.83 -6.08 24.14
CA VAL B 68 28.39 -6.05 24.37
C VAL B 68 27.95 -7.30 25.13
N ALA B 69 28.41 -8.47 24.66
CA ALA B 69 28.02 -9.73 25.31
C ALA B 69 28.43 -9.74 26.77
N GLU B 70 29.66 -9.30 27.06
CA GLU B 70 30.12 -9.29 28.44
C GLU B 70 29.29 -8.34 29.29
N SER B 71 28.90 -7.18 28.71
CA SER B 71 28.11 -6.20 29.45
C SER B 71 26.71 -6.73 29.75
N ILE B 72 26.07 -7.37 28.78
CA ILE B 72 24.75 -7.93 29.04
C ILE B 72 24.85 -9.01 30.12
N GLY B 73 25.89 -9.84 30.06
CA GLY B 73 26.12 -10.87 31.05
C GLY B 73 26.53 -12.17 30.39
N ALA B 74 27.74 -12.65 30.72
CA ALA B 74 28.29 -13.80 30.01
C ALA B 74 27.44 -15.05 30.21
N LYS B 75 26.69 -15.14 31.32
CA LYS B 75 25.80 -16.28 31.52
C LYS B 75 24.56 -16.20 30.64
N ARG B 76 24.27 -15.02 30.10
CA ARG B 76 23.02 -14.66 29.43
C ARG B 76 23.20 -14.33 27.96
N CYS B 77 24.44 -14.13 27.52
CA CYS B 77 24.71 -13.54 26.21
C CYS B 77 26.07 -14.01 25.72
N SER B 78 26.14 -14.37 24.44
CA SER B 78 27.36 -14.83 23.78
C SER B 78 27.54 -14.08 22.47
N TYR B 79 28.80 -14.02 22.02
CA TYR B 79 29.16 -13.45 20.72
C TYR B 79 29.60 -14.56 19.78
N VAL B 80 29.18 -14.46 18.51
CA VAL B 80 29.69 -15.35 17.47
C VAL B 80 30.04 -14.52 16.26
N GLN B 81 31.23 -14.76 15.71
CA GLN B 81 31.67 -14.10 14.48
C GLN B 81 30.91 -14.68 13.29
N CYS B 82 30.23 -13.82 12.54
CA CYS B 82 29.34 -14.31 11.49
C CYS B 82 29.09 -13.22 10.49
N ASP B 83 29.64 -13.39 9.28
CA ASP B 83 29.34 -12.55 8.12
C ASP B 83 28.08 -13.10 7.48
N ILE B 84 26.96 -12.39 7.60
CA ILE B 84 25.68 -12.98 7.21
C ILE B 84 25.60 -13.21 5.72
N ALA B 85 26.47 -12.58 4.94
CA ALA B 85 26.49 -12.83 3.49
C ALA B 85 27.09 -14.18 3.13
N ASP B 86 27.76 -14.84 4.07
CA ASP B 86 28.30 -16.18 3.87
C ASP B 86 27.32 -17.16 4.48
N GLU B 87 26.58 -17.89 3.65
CA GLU B 87 25.54 -18.75 4.18
C GLU B 87 26.10 -19.80 5.15
N GLU B 88 27.34 -20.25 4.91
CA GLU B 88 27.92 -21.26 5.78
C GLU B 88 28.22 -20.70 7.17
N GLN B 89 28.61 -19.43 7.25
CA GLN B 89 28.81 -18.85 8.57
C GLN B 89 27.48 -18.68 9.28
N VAL B 90 26.41 -18.37 8.54
CA VAL B 90 25.10 -18.27 9.19
C VAL B 90 24.66 -19.62 9.73
N LYS B 91 24.73 -20.65 8.90
CA LYS B 91 24.36 -21.98 9.37
C LYS B 91 25.13 -22.33 10.63
N SER B 92 26.44 -22.08 10.62
CA SER B 92 27.27 -22.41 11.77
C SER B 92 26.82 -21.68 13.02
N ALA B 93 26.49 -20.38 12.89
CA ALA B 93 26.07 -19.59 14.05
C ALA B 93 24.74 -20.08 14.60
N VAL B 94 23.81 -20.44 13.71
CA VAL B 94 22.52 -20.95 14.17
C VAL B 94 22.70 -22.32 14.84
N GLU B 95 23.48 -23.22 14.23
CA GLU B 95 23.78 -24.50 14.86
C GLU B 95 24.39 -24.30 16.25
N TRP B 96 25.40 -23.44 16.34
CA TRP B 96 26.07 -23.23 17.62
C TRP B 96 25.09 -22.72 18.67
N THR B 97 24.18 -21.82 18.28
CA THR B 97 23.20 -21.28 19.22
C THR B 97 22.27 -22.37 19.75
N ALA B 98 21.70 -23.16 18.84
CA ALA B 98 20.75 -24.18 19.27
C ALA B 98 21.42 -25.26 20.13
N THR B 99 22.67 -25.58 19.81
CA THR B 99 23.39 -26.61 20.56
C THR B 99 23.80 -26.10 21.94
N THR B 100 24.34 -24.88 21.99
CA THR B 100 24.75 -24.30 23.26
C THR B 100 23.55 -24.08 24.18
N TYR B 101 22.47 -23.51 23.64
CA TYR B 101 21.37 -23.07 24.49
C TYR B 101 20.12 -23.93 24.34
N GLY B 102 20.15 -24.96 23.48
CA GLY B 102 19.06 -25.92 23.43
C GLY B 102 17.78 -25.44 22.80
N GLY B 103 17.85 -24.43 21.95
CA GLY B 103 16.62 -23.88 21.40
C GLY B 103 16.94 -22.69 20.53
N LEU B 104 15.94 -22.25 19.78
CA LEU B 104 16.00 -21.03 19.01
C LEU B 104 14.58 -20.52 18.84
N ASP B 105 14.27 -19.41 19.50
CA ASP B 105 12.91 -18.86 19.45
C ASP B 105 12.77 -17.57 18.65
N VAL B 106 13.80 -16.73 18.63
CA VAL B 106 13.75 -15.42 17.99
C VAL B 106 15.00 -15.26 17.14
N MET B 107 14.81 -14.86 15.88
CA MET B 107 15.88 -14.43 14.98
C MET B 107 15.59 -13.01 14.55
N PHE B 108 16.41 -12.07 15.02
CA PHE B 108 16.27 -10.66 14.66
C PHE B 108 17.33 -10.41 13.59
N CYS B 109 16.90 -10.42 12.33
CA CYS B 109 17.82 -10.24 11.20
C CYS B 109 17.95 -8.74 10.98
N ASN B 110 18.97 -8.17 11.61
CA ASN B 110 19.06 -6.73 11.72
C ASN B 110 20.29 -6.13 11.05
N ALA B 111 21.34 -6.92 10.80
CA ALA B 111 22.52 -6.40 10.14
C ALA B 111 22.19 -5.78 8.78
N GLY B 112 22.84 -4.66 8.47
CA GLY B 112 22.63 -4.01 7.19
C GLY B 112 23.63 -2.90 7.00
N ILE B 113 23.78 -2.47 5.75
CA ILE B 113 24.80 -1.48 5.38
C ILE B 113 24.24 -0.53 4.33
N MET B 114 24.92 0.61 4.19
CA MET B 114 24.67 1.55 3.11
C MET B 114 25.99 1.85 2.42
N SER B 115 25.91 2.58 1.31
CA SER B 115 27.12 2.82 0.53
C SER B 115 27.93 4.01 1.02
N HIS B 116 27.28 5.07 1.48
CA HIS B 116 27.99 6.29 1.90
C HIS B 116 28.87 6.85 0.78
N SER B 117 28.36 6.82 -0.45
CA SER B 117 29.10 7.27 -1.62
C SER B 117 28.97 8.78 -1.80
N ASP B 118 30.01 9.37 -2.42
CA ASP B 118 30.10 10.83 -2.53
C ASP B 118 29.01 11.41 -3.43
N SER B 119 28.53 10.65 -4.42
CA SER B 119 27.45 11.12 -5.29
C SER B 119 26.10 10.56 -4.86
N GLY B 120 26.01 10.05 -3.63
CA GLY B 120 24.75 9.70 -3.00
C GLY B 120 24.02 8.50 -3.54
N GLN B 121 24.61 7.75 -4.48
CA GLN B 121 23.96 6.59 -5.11
C GLN B 121 22.60 6.98 -5.68
N THR B 122 22.55 8.15 -6.31
CA THR B 122 21.43 8.48 -7.18
C THR B 122 21.43 7.53 -8.36
N VAL B 123 20.27 7.44 -9.04
CA VAL B 123 20.20 6.63 -10.25
C VAL B 123 21.20 7.12 -11.30
N MET B 124 21.27 8.44 -11.51
CA MET B 124 22.16 8.98 -12.55
C MET B 124 23.62 8.59 -12.30
N GLU B 125 24.04 8.58 -11.04
CA GLU B 125 25.42 8.34 -10.69
C GLU B 125 25.60 7.03 -9.93
N LEU B 126 24.77 6.04 -10.23
CA LEU B 126 24.75 4.80 -9.45
C LEU B 126 26.04 4.02 -9.66
N ASP B 127 26.77 3.81 -8.58
CA ASP B 127 28.00 3.02 -8.62
C ASP B 127 27.64 1.54 -8.49
N MET B 128 27.73 0.80 -9.60
CA MET B 128 27.26 -0.59 -9.58
C MET B 128 28.03 -1.48 -8.62
N SER B 129 29.33 -1.24 -8.42
CA SER B 129 30.06 -2.11 -7.51
C SER B 129 29.64 -1.87 -6.06
N LYS B 130 29.34 -0.62 -5.69
CA LYS B 130 28.81 -0.35 -4.35
C LYS B 130 27.38 -0.86 -4.22
N PHE B 131 26.57 -0.70 -5.27
CA PHE B 131 25.27 -1.37 -5.31
C PHE B 131 25.40 -2.85 -4.96
N ASP B 132 26.35 -3.54 -5.62
CA ASP B 132 26.56 -4.97 -5.36
C ASP B 132 26.84 -5.25 -3.89
N GLU B 133 27.65 -4.39 -3.24
CA GLU B 133 28.00 -4.61 -1.84
C GLU B 133 26.77 -4.47 -0.95
N VAL B 134 25.99 -3.41 -1.15
CA VAL B 134 24.79 -3.22 -0.33
C VAL B 134 23.80 -4.36 -0.58
N MET B 135 23.57 -4.72 -1.84
CA MET B 135 22.64 -5.83 -2.10
C MET B 135 23.13 -7.14 -1.49
N ARG B 136 24.45 -7.35 -1.44
CA ARG B 136 24.97 -8.60 -0.92
C ARG B 136 24.65 -8.79 0.57
N VAL B 137 24.90 -7.77 1.38
CA VAL B 137 24.61 -7.90 2.80
C VAL B 137 23.10 -7.88 3.04
N ASN B 138 22.42 -6.86 2.50
CA ASN B 138 21.05 -6.55 2.88
C ASN B 138 20.03 -7.51 2.27
N THR B 139 20.29 -8.07 1.09
CA THR B 139 19.33 -9.00 0.52
C THR B 139 19.84 -10.43 0.58
N ARG B 140 21.04 -10.71 0.08
CA ARG B 140 21.51 -12.09 0.15
C ARG B 140 21.73 -12.52 1.60
N GLY B 141 22.33 -11.67 2.41
CA GLY B 141 22.58 -12.06 3.80
C GLY B 141 21.31 -12.22 4.59
N THR B 142 20.39 -11.27 4.46
CA THR B 142 19.14 -11.38 5.19
C THR B 142 18.38 -12.65 4.78
N ALA B 143 18.39 -12.98 3.49
CA ALA B 143 17.70 -14.18 3.04
C ALA B 143 18.31 -15.43 3.67
N ALA B 144 19.64 -15.48 3.72
CA ALA B 144 20.30 -16.64 4.32
C ALA B 144 19.98 -16.75 5.80
N CYS B 145 19.89 -15.60 6.49
CA CYS B 145 19.51 -15.65 7.90
C CYS B 145 18.09 -16.17 8.09
N VAL B 146 17.14 -15.69 7.29
CA VAL B 146 15.76 -16.18 7.41
C VAL B 146 15.73 -17.67 7.14
N LYS B 147 16.41 -18.09 6.07
CA LYS B 147 16.41 -19.50 5.70
C LYS B 147 16.99 -20.36 6.80
N GLN B 148 18.17 -20.02 7.31
CA GLN B 148 18.83 -20.91 8.27
C GLN B 148 18.12 -20.90 9.63
N ALA B 149 17.56 -19.77 10.06
CA ALA B 149 16.79 -19.79 11.30
C ALA B 149 15.54 -20.64 11.14
N ALA B 150 14.85 -20.50 10.01
CA ALA B 150 13.61 -21.23 9.79
C ALA B 150 13.88 -22.73 9.77
N ARG B 151 14.94 -23.14 9.07
CA ARG B 151 15.26 -24.57 9.03
C ARG B 151 15.51 -25.11 10.43
N LYS B 152 16.18 -24.31 11.27
CA LYS B 152 16.54 -24.76 12.60
C LYS B 152 15.32 -24.79 13.53
N MET B 153 14.45 -23.76 13.46
CA MET B 153 13.24 -23.84 14.27
C MET B 153 12.34 -24.98 13.84
N VAL B 154 12.28 -25.26 12.55
CA VAL B 154 11.46 -26.39 12.10
C VAL B 154 12.06 -27.69 12.64
N GLU B 155 13.39 -27.78 12.59
CA GLU B 155 14.07 -28.99 13.05
C GLU B 155 13.90 -29.18 14.56
N LEU B 156 13.91 -28.09 15.32
CA LEU B 156 13.73 -28.19 16.76
C LEU B 156 12.28 -28.35 17.20
N GLY B 157 11.32 -28.16 16.30
CA GLY B 157 9.93 -28.10 16.74
C GLY B 157 9.63 -26.87 17.56
N THR B 158 10.29 -25.75 17.25
CA THR B 158 10.03 -24.53 17.99
C THR B 158 8.56 -24.14 17.88
N ARG B 159 7.97 -23.81 19.01
CA ARG B 159 6.57 -23.39 19.09
C ARG B 159 6.51 -21.86 19.09
N GLY B 160 5.71 -21.29 18.20
CA GLY B 160 5.58 -19.84 18.17
C GLY B 160 6.89 -19.10 17.95
N GLY B 161 7.74 -19.61 17.07
CA GLY B 161 8.95 -18.90 16.73
C GLY B 161 8.68 -17.60 16.01
N ALA B 162 9.65 -16.69 16.12
CA ALA B 162 9.50 -15.38 15.49
C ALA B 162 10.77 -15.01 14.75
N ILE B 163 10.62 -14.57 13.51
CA ILE B 163 11.70 -14.01 12.71
C ILE B 163 11.34 -12.57 12.38
N ILE B 164 12.24 -11.64 12.68
CA ILE B 164 12.00 -10.22 12.48
C ILE B 164 13.17 -9.65 11.68
N CYS B 165 12.87 -8.90 10.61
CA CYS B 165 13.89 -8.22 9.83
C CYS B 165 13.82 -6.72 10.05
N THR B 166 14.97 -6.06 10.17
CA THR B 166 14.94 -4.62 10.25
C THR B 166 14.80 -4.04 8.85
N SER B 167 13.79 -3.22 8.67
CA SER B 167 13.51 -2.68 7.36
C SER B 167 13.68 -1.17 7.43
N SER B 168 12.84 -0.42 6.72
CA SER B 168 13.00 1.03 6.65
C SER B 168 11.75 1.61 6.01
N PRO B 169 11.39 2.86 6.28
CA PRO B 169 10.37 3.50 5.42
C PRO B 169 10.72 3.41 3.95
N LEU B 170 12.02 3.36 3.61
CA LEU B 170 12.48 3.15 2.24
C LEU B 170 12.24 1.72 1.74
N ALA B 171 11.57 0.84 2.48
CA ALA B 171 11.09 -0.40 1.89
C ALA B 171 9.75 -0.23 1.19
N THR B 172 9.06 0.91 1.40
CA THR B 172 7.75 1.13 0.83
C THR B 172 7.63 2.44 0.06
N ARG B 173 8.67 3.26 0.02
CA ARG B 173 8.65 4.47 -0.78
C ARG B 173 10.02 4.67 -1.39
N GLY B 174 10.08 5.48 -2.45
CA GLY B 174 11.34 5.76 -3.12
C GLY B 174 12.22 6.72 -2.35
N GLY B 175 13.50 6.73 -2.69
CA GLY B 175 14.41 7.68 -2.08
C GLY B 175 15.03 8.62 -3.11
N HIS B 176 15.49 9.79 -2.65
CA HIS B 176 16.22 10.73 -3.52
C HIS B 176 17.69 10.34 -3.63
N VAL B 177 18.19 9.59 -2.67
CA VAL B 177 19.56 9.11 -2.63
C VAL B 177 19.54 7.66 -2.17
N ASP B 178 20.71 7.03 -2.15
CA ASP B 178 20.87 5.67 -1.67
C ASP B 178 19.91 4.71 -2.36
N THR B 179 19.85 4.80 -3.69
CA THR B 179 18.94 3.96 -4.46
C THR B 179 19.21 2.48 -4.23
N ASP B 180 20.49 2.10 -4.05
CA ASP B 180 20.79 0.70 -3.77
C ASP B 180 20.18 0.25 -2.45
N TYR B 181 20.29 1.09 -1.42
CA TYR B 181 19.69 0.77 -0.14
C TYR B 181 18.17 0.66 -0.24
N VAL B 182 17.54 1.60 -0.97
CA VAL B 182 16.10 1.55 -1.17
C VAL B 182 15.70 0.22 -1.80
N MET B 183 16.39 -0.14 -2.88
CA MET B 183 16.08 -1.40 -3.55
C MET B 183 16.25 -2.58 -2.61
N SER B 184 17.31 -2.55 -1.80
CA SER B 184 17.59 -3.66 -0.90
C SER B 184 16.50 -3.82 0.15
N LYS B 185 15.98 -2.70 0.69
CA LYS B 185 14.96 -2.82 1.73
C LYS B 185 13.57 -3.16 1.17
N HIS B 186 13.25 -2.73 -0.06
CA HIS B 186 12.10 -3.27 -0.77
C HIS B 186 12.19 -4.79 -0.87
N ALA B 187 13.37 -5.28 -1.27
CA ALA B 187 13.58 -6.72 -1.37
C ALA B 187 13.39 -7.41 -0.03
N VAL B 188 13.87 -6.79 1.07
CA VAL B 188 13.69 -7.40 2.39
C VAL B 188 12.21 -7.54 2.72
N LEU B 189 11.40 -6.55 2.35
CA LEU B 189 9.96 -6.66 2.62
C LEU B 189 9.33 -7.78 1.80
N GLY B 190 9.80 -7.98 0.56
CA GLY B 190 9.32 -9.11 -0.22
C GLY B 190 9.67 -10.44 0.42
N LEU B 191 10.86 -10.52 1.01
CA LEU B 191 11.26 -11.71 1.74
C LEU B 191 10.39 -11.94 2.97
N VAL B 192 10.13 -10.86 3.74
CA VAL B 192 9.29 -10.99 4.93
C VAL B 192 7.89 -11.49 4.55
N ARG B 193 7.31 -10.92 3.49
CA ARG B 193 5.98 -11.34 3.08
C ARG B 193 5.97 -12.81 2.64
N SER B 194 6.94 -13.20 1.81
CA SER B 194 7.01 -14.58 1.32
C SER B 194 7.22 -15.57 2.46
N ALA B 195 8.20 -15.27 3.32
CA ALA B 195 8.51 -16.13 4.45
C ALA B 195 7.32 -16.26 5.39
N SER B 196 6.61 -15.15 5.60
CA SER B 196 5.36 -15.19 6.36
C SER B 196 4.39 -16.21 5.79
N MET B 197 4.14 -16.18 4.47
CA MET B 197 3.20 -17.15 3.93
C MET B 197 3.76 -18.58 3.89
N GLN B 198 5.06 -18.75 3.73
CA GLN B 198 5.58 -20.11 3.65
C GLN B 198 5.82 -20.73 5.03
N LEU B 199 6.15 -19.94 6.05
CA LEU B 199 6.52 -20.53 7.35
C LEU B 199 5.38 -20.57 8.35
N GLY B 200 4.23 -19.94 8.04
CA GLY B 200 3.13 -19.97 8.98
C GLY B 200 2.63 -21.38 9.25
N ALA B 201 2.79 -22.27 8.27
CA ALA B 201 2.44 -23.68 8.47
C ALA B 201 3.15 -24.28 9.67
N HIS B 202 4.36 -23.78 9.98
CA HIS B 202 5.12 -24.25 11.13
C HIS B 202 4.87 -23.40 12.36
N GLY B 203 3.91 -22.48 12.30
CA GLY B 203 3.69 -21.60 13.42
C GLY B 203 4.74 -20.53 13.59
N ILE B 204 5.62 -20.33 12.60
CA ILE B 204 6.65 -19.29 12.66
C ILE B 204 6.07 -18.01 12.07
N ARG B 205 6.18 -16.91 12.81
CA ARG B 205 5.74 -15.59 12.36
C ARG B 205 6.95 -14.79 11.88
N VAL B 206 6.77 -14.09 10.76
CA VAL B 206 7.81 -13.28 10.14
C VAL B 206 7.27 -11.87 9.95
N ASN B 207 8.01 -10.88 10.47
CA ASN B 207 7.57 -9.50 10.43
C ASN B 207 8.79 -8.62 10.18
N SER B 208 8.55 -7.34 9.92
CA SER B 208 9.65 -6.38 9.88
C SER B 208 9.34 -5.21 10.80
N VAL B 209 10.40 -4.51 11.17
CA VAL B 209 10.28 -3.24 11.90
C VAL B 209 11.02 -2.18 11.08
N SER B 210 10.37 -1.04 10.84
CA SER B 210 10.86 -0.03 9.91
C SER B 210 11.02 1.30 10.64
N PRO B 211 12.17 1.54 11.25
CA PRO B 211 12.39 2.81 11.94
C PRO B 211 12.92 3.88 11.01
N MET B 212 12.66 5.13 11.39
CA MET B 212 13.30 6.23 10.68
C MET B 212 14.66 6.45 11.31
N ALA B 213 15.03 7.68 11.63
CA ALA B 213 16.42 8.00 11.91
C ALA B 213 16.75 7.80 13.39
N VAL B 214 17.60 6.82 13.68
CA VAL B 214 18.14 6.55 15.00
C VAL B 214 19.62 6.92 14.98
N LEU B 215 20.08 7.60 16.02
CA LEU B 215 21.50 7.98 16.07
C LEU B 215 22.34 6.73 16.35
N THR B 216 23.05 6.26 15.33
CA THR B 216 23.91 5.09 15.41
C THR B 216 25.17 5.38 14.60
N PRO B 217 26.18 4.51 14.65
CA PRO B 217 27.32 4.67 13.74
C PRO B 217 26.92 4.75 12.28
N LEU B 218 25.85 4.05 11.87
CA LEU B 218 25.37 4.13 10.49
C LEU B 218 24.93 5.56 10.15
N THR B 219 24.05 6.15 10.96
CA THR B 219 23.60 7.49 10.62
C THR B 219 24.71 8.53 10.84
N ARG B 220 25.63 8.27 11.77
CA ARG B 220 26.80 9.16 11.90
C ARG B 220 27.57 9.24 10.60
N ARG B 221 27.77 8.09 9.93
CA ARG B 221 28.40 8.07 8.62
C ARG B 221 27.59 8.77 7.54
N MET B 222 26.28 8.96 7.72
CA MET B 222 25.53 9.82 6.79
C MET B 222 25.49 11.27 7.22
N GLY B 223 26.24 11.65 8.25
CA GLY B 223 26.30 13.03 8.67
C GLY B 223 25.35 13.44 9.77
N LEU B 224 24.60 12.50 10.37
CA LEU B 224 23.72 12.81 11.49
C LEU B 224 24.41 12.35 12.77
N ALA B 225 24.96 13.29 13.51
CA ALA B 225 25.69 12.98 14.73
C ALA B 225 24.94 13.34 16.00
N THR B 226 24.07 14.33 15.96
CA THR B 226 23.39 14.86 17.14
C THR B 226 21.89 14.89 16.93
N PRO B 227 21.11 14.96 18.01
CA PRO B 227 19.66 15.15 17.86
C PRO B 227 19.30 16.39 17.07
N ALA B 228 20.08 17.49 17.21
CA ALA B 228 19.79 18.66 16.40
C ALA B 228 19.97 18.36 14.91
N ASP B 229 20.97 17.54 14.56
CA ASP B 229 21.13 17.17 13.16
C ASP B 229 19.91 16.41 12.66
N VAL B 230 19.39 15.48 13.46
CA VAL B 230 18.20 14.72 13.05
C VAL B 230 17.01 15.66 12.90
N GLU B 231 16.81 16.54 13.89
CA GLU B 231 15.70 17.48 13.82
C GLU B 231 15.81 18.38 12.60
N ASN B 232 17.03 18.84 12.30
CA ASN B 232 17.18 19.72 11.14
C ASN B 232 16.93 18.96 9.83
N ALA B 233 17.31 17.69 9.76
CA ALA B 233 17.14 16.93 8.53
C ALA B 233 15.73 16.42 8.35
N LEU B 234 15.08 16.03 9.45
CA LEU B 234 13.81 15.31 9.37
C LEU B 234 12.68 15.92 10.19
N GLY B 235 12.97 16.91 11.04
CA GLY B 235 11.97 17.39 11.98
C GLY B 235 10.69 17.85 11.30
N ARG B 236 10.82 18.75 10.33
CA ARG B 236 9.62 19.24 9.65
C ARG B 236 8.99 18.27 8.70
N PHE B 237 9.55 17.08 8.49
CA PHE B 237 8.87 16.04 7.74
C PHE B 237 8.22 15.00 8.65
N THR B 238 8.21 15.22 9.96
CA THR B 238 7.73 14.26 10.94
C THR B 238 6.51 14.84 11.66
N SER B 239 5.37 14.14 11.58
CA SER B 239 4.16 14.65 12.23
C SER B 239 4.31 14.76 13.74
N LEU B 240 4.90 13.73 14.38
CA LEU B 240 4.87 13.60 15.84
C LEU B 240 5.96 14.48 16.47
N LYS B 241 5.54 15.39 17.34
CA LYS B 241 6.41 16.34 18.01
C LYS B 241 6.55 15.99 19.48
N GLY B 242 7.65 16.44 20.07
CA GLY B 242 7.87 16.24 21.49
C GLY B 242 8.63 14.99 21.87
N VAL B 243 9.06 14.19 20.89
CA VAL B 243 9.78 12.96 21.18
C VAL B 243 10.73 12.71 20.01
N ALA B 244 11.92 12.21 20.32
CA ALA B 244 12.85 11.82 19.28
C ALA B 244 13.01 10.31 19.33
N LEU B 245 13.06 9.69 18.15
CA LEU B 245 13.20 8.24 18.04
C LEU B 245 14.54 7.79 18.62
N THR B 246 14.51 6.75 19.45
CA THR B 246 15.69 6.16 20.06
C THR B 246 15.83 4.72 19.62
N ALA B 247 17.04 4.18 19.77
CA ALA B 247 17.23 2.77 19.50
C ALA B 247 16.36 1.92 20.40
N GLU B 248 16.07 2.40 21.60
CA GLU B 248 15.25 1.63 22.53
C GLU B 248 13.83 1.52 22.01
N HIS B 249 13.30 2.60 21.39
CA HIS B 249 11.98 2.52 20.78
C HIS B 249 11.91 1.40 19.74
N VAL B 250 12.95 1.28 18.91
CA VAL B 250 12.96 0.24 17.87
C VAL B 250 13.02 -1.13 18.52
N ALA B 251 13.89 -1.30 19.52
CA ALA B 251 13.98 -2.56 20.26
C ALA B 251 12.66 -2.95 20.90
N GLU B 252 11.93 -1.98 21.48
CA GLU B 252 10.64 -2.33 22.07
C GLU B 252 9.65 -2.80 21.01
N ALA B 253 9.69 -2.23 19.81
CA ALA B 253 8.84 -2.73 18.72
C ALA B 253 9.22 -4.17 18.35
N ALA B 254 10.53 -4.46 18.28
CA ALA B 254 10.98 -5.80 17.95
C ALA B 254 10.61 -6.78 19.06
N ALA B 255 10.75 -6.38 20.33
CA ALA B 255 10.40 -7.29 21.41
C ALA B 255 8.91 -7.58 21.42
N PHE B 256 8.08 -6.58 21.12
CA PHE B 256 6.65 -6.83 20.98
C PHE B 256 6.37 -7.90 19.93
N LEU B 257 6.92 -7.72 18.73
CA LEU B 257 6.69 -8.67 17.63
C LEU B 257 7.24 -10.06 17.95
N ALA B 258 8.28 -10.13 18.76
CA ALA B 258 8.90 -11.40 19.12
C ALA B 258 8.14 -12.14 20.20
N SER B 259 7.23 -11.47 20.90
CA SER B 259 6.55 -12.01 22.06
C SER B 259 5.15 -12.52 21.71
N ASP B 260 4.50 -13.12 22.72
CA ASP B 260 3.12 -13.58 22.57
C ASP B 260 2.10 -12.44 22.57
N GLU B 261 2.51 -11.22 22.94
CA GLU B 261 1.66 -10.06 22.66
C GLU B 261 1.34 -9.93 21.17
N ALA B 262 2.17 -10.53 20.30
CA ALA B 262 1.98 -10.46 18.85
C ALA B 262 1.71 -11.84 18.25
N ALA B 263 1.04 -12.72 19.01
CA ALA B 263 0.95 -14.13 18.65
C ALA B 263 0.25 -14.38 17.31
N PHE B 264 -0.56 -13.45 16.82
CA PHE B 264 -1.30 -13.65 15.56
C PHE B 264 -0.87 -12.65 14.50
N ILE B 265 0.26 -11.98 14.70
CA ILE B 265 0.77 -11.00 13.75
C ILE B 265 1.87 -11.64 12.93
N THR B 266 1.66 -11.71 11.62
CA THR B 266 2.70 -12.19 10.71
C THR B 266 2.51 -11.52 9.37
N GLY B 267 3.62 -11.41 8.63
CA GLY B 267 3.61 -10.74 7.34
C GLY B 267 3.49 -9.24 7.44
N HIS B 268 3.76 -8.66 8.61
CA HIS B 268 3.46 -7.26 8.87
C HIS B 268 4.74 -6.42 8.96
N ASP B 269 4.67 -5.21 8.42
CA ASP B 269 5.75 -4.22 8.53
C ASP B 269 5.32 -3.20 9.57
N LEU B 270 5.94 -3.26 10.76
CA LEU B 270 5.61 -2.34 11.85
C LEU B 270 6.44 -1.08 11.69
N VAL B 271 5.80 0.02 11.30
CA VAL B 271 6.50 1.25 10.95
C VAL B 271 6.64 2.13 12.19
N VAL B 272 7.87 2.58 12.46
CA VAL B 272 8.18 3.38 13.64
C VAL B 272 8.84 4.67 13.15
N ASP B 273 8.04 5.60 12.62
CA ASP B 273 8.60 6.74 11.89
C ASP B 273 8.02 8.08 12.32
N GLY B 274 7.18 8.11 13.35
CA GLY B 274 6.65 9.37 13.83
C GLY B 274 5.69 10.03 12.86
N GLY B 275 5.14 9.30 11.91
CA GLY B 275 4.31 9.93 10.89
C GLY B 275 5.18 10.69 9.90
N LEU B 276 5.97 9.97 9.11
CA LEU B 276 6.88 10.61 8.16
C LEU B 276 6.10 11.12 6.95
N LEU B 277 6.08 12.43 6.75
CA LEU B 277 5.31 12.99 5.63
C LEU B 277 5.96 12.70 4.28
N CYS B 278 7.28 12.83 4.20
CA CYS B 278 8.03 12.52 3.00
C CYS B 278 9.49 12.44 3.40
N LEU B 279 10.27 11.79 2.54
CA LEU B 279 11.72 11.80 2.72
C LEU B 279 12.25 13.21 2.44
N PRO B 280 13.36 13.59 3.10
CA PRO B 280 13.98 14.90 2.84
C PRO B 280 14.20 15.18 1.35
N LYS C 23 -1.19 9.07 -33.89
CA LYS C 23 -0.48 7.87 -33.44
C LYS C 23 0.33 8.17 -32.18
N LYS C 24 0.16 7.36 -31.13
CA LYS C 24 0.57 7.77 -29.80
C LYS C 24 2.08 7.74 -29.59
N LEU C 25 2.81 6.89 -30.32
CA LEU C 25 4.27 6.83 -30.22
C LEU C 25 4.97 7.39 -31.44
N GLU C 26 4.31 8.29 -32.18
CA GLU C 26 4.84 8.79 -33.45
C GLU C 26 6.18 9.51 -33.27
N GLY C 27 7.18 9.07 -34.02
CA GLY C 27 8.47 9.73 -34.03
C GLY C 27 9.40 9.40 -32.87
N LYS C 28 8.93 8.65 -31.87
CA LYS C 28 9.75 8.28 -30.72
C LYS C 28 10.69 7.13 -31.06
N VAL C 29 11.84 7.13 -30.39
CA VAL C 29 12.82 6.06 -30.46
C VAL C 29 12.74 5.26 -29.17
N ALA C 30 12.55 3.95 -29.29
CA ALA C 30 12.36 3.08 -28.14
C ALA C 30 13.40 1.97 -28.12
N ILE C 31 13.97 1.71 -26.93
CA ILE C 31 14.70 0.47 -26.68
C ILE C 31 13.81 -0.47 -25.89
N VAL C 32 13.81 -1.74 -26.26
CA VAL C 32 13.07 -2.78 -25.54
C VAL C 32 14.06 -3.89 -25.18
N THR C 33 14.41 -4.00 -23.90
CA THR C 33 15.25 -5.11 -23.48
C THR C 33 14.40 -6.37 -23.31
N GLY C 34 15.00 -7.53 -23.57
CA GLY C 34 14.24 -8.76 -23.65
C GLY C 34 13.27 -8.80 -24.82
N GLY C 35 13.47 -7.95 -25.81
CA GLY C 35 12.60 -7.86 -26.97
C GLY C 35 12.66 -9.04 -27.91
N ALA C 36 13.55 -10.03 -27.68
CA ALA C 36 13.64 -11.15 -28.60
C ALA C 36 12.53 -12.18 -28.40
N SER C 37 11.71 -12.04 -27.36
CA SER C 37 10.84 -13.12 -26.93
C SER C 37 9.67 -12.56 -26.13
N GLY C 38 8.63 -13.38 -26.00
CA GLY C 38 7.49 -13.13 -25.11
C GLY C 38 6.98 -11.70 -25.04
N ILE C 39 6.83 -11.18 -23.81
CA ILE C 39 6.26 -9.84 -23.64
C ILE C 39 7.08 -8.80 -24.42
N GLY C 40 8.41 -8.88 -24.33
CA GLY C 40 9.23 -7.89 -25.01
C GLY C 40 9.01 -7.90 -26.52
N GLU C 41 8.92 -9.09 -27.11
CA GLU C 41 8.73 -9.17 -28.56
C GLU C 41 7.45 -8.46 -28.97
N THR C 42 6.33 -8.77 -28.30
CA THR C 42 5.07 -8.11 -28.59
C THR C 42 5.16 -6.61 -28.39
N ALA C 43 5.77 -6.17 -27.28
CA ALA C 43 5.89 -4.73 -27.06
C ALA C 43 6.62 -4.04 -28.21
N ALA C 44 7.68 -4.65 -28.72
CA ALA C 44 8.41 -4.03 -29.82
C ALA C 44 7.52 -3.89 -31.04
N ARG C 45 6.78 -4.95 -31.38
CA ARG C 45 5.84 -4.89 -32.49
C ARG C 45 4.79 -3.83 -32.25
N ILE C 46 4.22 -3.79 -31.03
CA ILE C 46 3.14 -2.86 -30.75
C ILE C 46 3.65 -1.42 -30.74
N PHE C 47 4.89 -1.20 -30.29
CA PHE C 47 5.43 0.16 -30.32
C PHE C 47 5.58 0.64 -31.76
N ALA C 48 6.06 -0.24 -32.63
CA ALA C 48 6.19 0.10 -34.04
C ALA C 48 4.82 0.35 -34.68
N ASP C 49 3.83 -0.47 -34.32
CA ASP C 49 2.48 -0.24 -34.81
C ASP C 49 1.92 1.10 -34.32
N HIS C 50 2.31 1.55 -33.13
CA HIS C 50 1.86 2.85 -32.66
C HIS C 50 2.72 4.00 -33.19
N GLY C 51 3.54 3.74 -34.19
CA GLY C 51 4.21 4.79 -34.91
C GLY C 51 5.57 5.19 -34.39
N ALA C 52 6.24 4.31 -33.65
CA ALA C 52 7.59 4.62 -33.21
C ALA C 52 8.48 4.78 -34.45
N ARG C 53 9.30 5.84 -34.45
CA ARG C 53 10.27 6.00 -35.53
C ARG C 53 11.20 4.80 -35.62
N ALA C 54 11.72 4.35 -34.48
CA ALA C 54 12.65 3.24 -34.44
C ALA C 54 12.47 2.47 -33.13
N VAL C 55 12.58 1.15 -33.20
CA VAL C 55 12.52 0.27 -32.04
C VAL C 55 13.76 -0.61 -32.07
N VAL C 56 14.56 -0.55 -31.01
CA VAL C 56 15.80 -1.33 -30.89
C VAL C 56 15.58 -2.43 -29.88
N ILE C 57 15.75 -3.68 -30.30
CA ILE C 57 15.67 -4.84 -29.42
C ILE C 57 17.05 -5.11 -28.85
N ALA C 58 17.18 -4.99 -27.53
CA ALA C 58 18.38 -5.40 -26.82
C ALA C 58 18.10 -6.72 -26.14
N ASP C 59 18.99 -7.69 -26.31
CA ASP C 59 18.72 -9.05 -25.82
C ASP C 59 20.01 -9.84 -25.95
N ILE C 60 19.94 -11.12 -25.58
CA ILE C 60 21.09 -12.01 -25.64
C ILE C 60 20.83 -13.23 -26.50
N GLN C 61 19.62 -13.41 -27.02
CA GLN C 61 19.31 -14.48 -27.97
C GLN C 61 19.50 -13.87 -29.35
N SER C 62 20.73 -13.99 -29.87
CA SER C 62 21.14 -13.23 -31.04
C SER C 62 20.23 -13.46 -32.24
N GLU C 63 19.91 -14.73 -32.53
CA GLU C 63 19.26 -15.01 -33.79
C GLU C 63 17.74 -15.02 -33.71
N LEU C 64 17.17 -15.41 -32.56
CA LEU C 64 15.75 -15.14 -32.35
C LEU C 64 15.46 -13.65 -32.49
N GLY C 65 16.36 -12.81 -31.98
CA GLY C 65 16.13 -11.37 -31.99
C GLY C 65 16.25 -10.76 -33.37
N ARG C 66 17.25 -11.18 -34.14
CA ARG C 66 17.36 -10.68 -35.51
C ARG C 66 16.14 -11.08 -36.33
N MET C 67 15.59 -12.27 -36.07
CA MET C 67 14.35 -12.68 -36.72
C MET C 67 13.24 -11.67 -36.42
N VAL C 68 13.18 -11.18 -35.18
CA VAL C 68 12.08 -10.29 -34.80
C VAL C 68 12.25 -8.93 -35.47
N ALA C 69 13.43 -8.32 -35.33
CA ALA C 69 13.67 -7.03 -35.99
C ALA C 69 13.48 -7.14 -37.49
N GLU C 70 13.88 -8.29 -38.05
CA GLU C 70 13.57 -8.59 -39.44
C GLU C 70 12.07 -8.48 -39.70
N SER C 71 11.26 -9.22 -38.93
CA SER C 71 9.82 -9.27 -39.13
C SER C 71 9.17 -7.90 -38.94
N ILE C 72 9.64 -7.12 -37.96
CA ILE C 72 9.03 -5.83 -37.72
C ILE C 72 9.35 -4.86 -38.84
N GLY C 73 10.50 -5.00 -39.48
CA GLY C 73 10.87 -4.09 -40.55
C GLY C 73 12.26 -3.50 -40.33
N ALA C 74 13.23 -4.01 -41.08
CA ALA C 74 14.62 -3.65 -40.83
C ALA C 74 14.87 -2.14 -40.89
N LYS C 75 13.95 -1.35 -41.44
CA LYS C 75 14.11 0.10 -41.45
C LYS C 75 13.47 0.78 -40.25
N ARG C 76 12.66 0.04 -39.48
CA ARG C 76 12.04 0.54 -38.26
C ARG C 76 12.65 -0.05 -36.99
N CYS C 77 13.45 -1.11 -37.10
CA CYS C 77 13.77 -1.93 -35.94
C CYS C 77 15.15 -2.57 -36.12
N SER C 78 16.02 -2.44 -35.11
CA SER C 78 17.34 -3.03 -35.09
C SER C 78 17.43 -4.02 -33.93
N TYR C 79 18.46 -4.87 -33.98
CA TYR C 79 18.77 -5.79 -32.90
C TYR C 79 20.19 -5.54 -32.39
N VAL C 80 20.34 -5.44 -31.07
CA VAL C 80 21.62 -5.22 -30.42
C VAL C 80 21.84 -6.32 -29.40
N GLN C 81 23.04 -6.89 -29.38
CA GLN C 81 23.41 -7.85 -28.37
C GLN C 81 23.75 -7.10 -27.08
N CYS C 82 23.02 -7.40 -26.00
CA CYS C 82 23.16 -6.64 -24.77
C CYS C 82 22.74 -7.53 -23.59
N ASP C 83 23.72 -7.98 -22.80
CA ASP C 83 23.44 -8.58 -21.51
C ASP C 83 23.25 -7.45 -20.50
N ILE C 84 22.02 -7.24 -20.04
CA ILE C 84 21.73 -6.05 -19.25
C ILE C 84 22.43 -6.06 -17.90
N ALA C 85 22.91 -7.22 -17.42
CA ALA C 85 23.71 -7.22 -16.19
C ALA C 85 25.05 -6.51 -16.37
N ASP C 86 25.57 -6.40 -17.59
CA ASP C 86 26.87 -5.79 -17.86
C ASP C 86 26.66 -4.31 -18.19
N GLU C 87 27.14 -3.42 -17.32
CA GLU C 87 26.81 -2.01 -17.48
C GLU C 87 27.43 -1.40 -18.72
N GLU C 88 28.62 -1.88 -19.13
CA GLU C 88 29.21 -1.31 -20.34
C GLU C 88 28.47 -1.74 -21.61
N GLN C 89 27.92 -2.96 -21.64
CA GLN C 89 27.08 -3.35 -22.78
C GLN C 89 25.78 -2.54 -22.81
N VAL C 90 25.24 -2.18 -21.65
CA VAL C 90 24.06 -1.33 -21.61
C VAL C 90 24.43 0.08 -22.08
N LYS C 91 25.55 0.60 -21.60
CA LYS C 91 26.02 1.90 -22.09
C LYS C 91 26.16 1.89 -23.61
N SER C 92 26.80 0.84 -24.15
CA SER C 92 27.04 0.76 -25.58
C SER C 92 25.75 0.68 -26.37
N ALA C 93 24.81 -0.17 -25.91
CA ALA C 93 23.54 -0.30 -26.61
C ALA C 93 22.78 1.02 -26.62
N VAL C 94 22.77 1.71 -25.48
CA VAL C 94 22.07 2.99 -25.39
C VAL C 94 22.73 4.02 -26.32
N GLU C 95 24.06 4.09 -26.30
CA GLU C 95 24.73 5.09 -27.13
C GLU C 95 24.61 4.76 -28.61
N TRP C 96 24.68 3.47 -28.96
CA TRP C 96 24.48 3.08 -30.35
C TRP C 96 23.09 3.49 -30.84
N THR C 97 22.07 3.25 -30.02
CA THR C 97 20.71 3.59 -30.44
C THR C 97 20.56 5.08 -30.70
N ALA C 98 21.17 5.91 -29.84
CA ALA C 98 20.96 7.35 -29.91
C ALA C 98 21.67 7.98 -31.12
N THR C 99 22.89 7.54 -31.43
CA THR C 99 23.56 8.15 -32.57
C THR C 99 23.03 7.58 -33.90
N THR C 100 22.60 6.32 -33.90
CA THR C 100 21.97 5.76 -35.10
C THR C 100 20.68 6.51 -35.44
N TYR C 101 19.79 6.70 -34.46
CA TYR C 101 18.46 7.22 -34.71
C TYR C 101 18.25 8.65 -34.23
N GLY C 102 19.24 9.26 -33.58
CA GLY C 102 19.13 10.66 -33.25
C GLY C 102 18.32 11.00 -32.03
N GLY C 103 18.16 10.06 -31.11
CA GLY C 103 17.45 10.32 -29.87
C GLY C 103 17.06 9.03 -29.18
N LEU C 104 16.52 9.19 -27.98
CA LEU C 104 16.00 8.07 -27.22
C LEU C 104 14.86 8.60 -26.38
N ASP C 105 13.66 8.06 -26.61
CA ASP C 105 12.47 8.58 -25.97
C ASP C 105 11.88 7.61 -24.98
N VAL C 106 12.03 6.30 -25.20
CA VAL C 106 11.39 5.27 -24.41
C VAL C 106 12.41 4.18 -24.11
N MET C 107 12.56 3.84 -22.84
CA MET C 107 13.31 2.66 -22.42
C MET C 107 12.35 1.71 -21.73
N PHE C 108 12.05 0.57 -22.38
CA PHE C 108 11.19 -0.45 -21.78
C PHE C 108 12.11 -1.53 -21.22
N CYS C 109 12.35 -1.45 -19.92
CA CYS C 109 13.26 -2.36 -19.21
C CYS C 109 12.47 -3.60 -18.87
N ASN C 110 12.50 -4.57 -19.77
CA ASN C 110 11.62 -5.72 -19.68
C ASN C 110 12.34 -7.04 -19.45
N ALA C 111 13.64 -7.13 -19.76
CA ALA C 111 14.35 -8.37 -19.56
C ALA C 111 14.26 -8.83 -18.10
N GLY C 112 14.22 -10.14 -17.90
CA GLY C 112 14.15 -10.72 -16.58
C GLY C 112 14.01 -12.24 -16.61
N ILE C 113 14.40 -12.91 -15.52
CA ILE C 113 14.46 -14.36 -15.45
C ILE C 113 13.88 -14.83 -14.12
N MET C 114 13.58 -16.13 -14.06
CA MET C 114 13.38 -16.84 -12.79
C MET C 114 14.31 -18.05 -12.74
N SER C 115 14.28 -18.73 -11.59
CA SER C 115 15.21 -19.81 -11.29
C SER C 115 14.76 -21.19 -11.76
N HIS C 116 13.46 -21.50 -11.77
CA HIS C 116 13.02 -22.83 -12.19
C HIS C 116 13.85 -23.92 -11.48
N SER C 117 13.59 -24.02 -10.19
CA SER C 117 14.36 -24.86 -9.29
C SER C 117 13.52 -26.04 -8.82
N ASP C 118 14.20 -27.13 -8.45
CA ASP C 118 13.52 -28.34 -8.03
C ASP C 118 12.68 -28.10 -6.78
N SER C 119 13.24 -27.39 -5.81
CA SER C 119 12.53 -27.07 -4.58
C SER C 119 11.66 -25.82 -4.72
N GLY C 120 11.71 -25.15 -5.85
CA GLY C 120 10.86 -24.00 -6.11
C GLY C 120 11.34 -22.69 -5.51
N GLN C 121 12.54 -22.64 -4.96
CA GLN C 121 13.05 -21.47 -4.23
C GLN C 121 12.07 -20.97 -3.17
N THR C 122 11.57 -21.93 -2.39
CA THR C 122 11.01 -21.60 -1.08
C THR C 122 12.13 -21.09 -0.19
N VAL C 123 11.73 -20.37 0.86
CA VAL C 123 12.70 -19.86 1.85
C VAL C 123 13.45 -21.02 2.49
N MET C 124 12.72 -22.07 2.89
CA MET C 124 13.29 -23.26 3.52
C MET C 124 14.41 -23.85 2.67
N GLU C 125 14.27 -23.80 1.35
CA GLU C 125 15.17 -24.48 0.43
C GLU C 125 15.82 -23.51 -0.56
N LEU C 126 16.01 -22.26 -0.14
CA LEU C 126 16.50 -21.24 -1.05
C LEU C 126 17.90 -21.59 -1.53
N ASP C 127 18.04 -21.72 -2.83
CA ASP C 127 19.33 -21.96 -3.46
C ASP C 127 20.00 -20.60 -3.64
N MET C 128 21.01 -20.31 -2.83
CA MET C 128 21.62 -18.98 -2.82
C MET C 128 22.30 -18.66 -4.13
N SER C 129 22.87 -19.69 -4.78
CA SER C 129 23.52 -19.51 -6.06
C SER C 129 22.51 -19.10 -7.14
N LYS C 130 21.32 -19.72 -7.15
CA LYS C 130 20.31 -19.35 -8.14
C LYS C 130 19.68 -18.01 -7.79
N PHE C 131 19.51 -17.75 -6.50
CA PHE C 131 19.15 -16.42 -6.02
C PHE C 131 20.07 -15.36 -6.63
N ASP C 132 21.39 -15.57 -6.54
CA ASP C 132 22.35 -14.63 -7.11
C ASP C 132 22.06 -14.37 -8.59
N GLU C 133 21.76 -15.42 -9.35
CA GLU C 133 21.54 -15.25 -10.79
C GLU C 133 20.31 -14.39 -11.07
N VAL C 134 19.21 -14.67 -10.38
CA VAL C 134 17.97 -13.90 -10.57
C VAL C 134 18.19 -12.44 -10.16
N MET C 135 18.81 -12.22 -9.01
CA MET C 135 19.07 -10.86 -8.53
C MET C 135 19.96 -10.11 -9.52
N ARG C 136 20.94 -10.81 -10.10
CA ARG C 136 21.87 -10.16 -11.03
C ARG C 136 21.13 -9.58 -12.23
N VAL C 137 20.27 -10.37 -12.86
CA VAL C 137 19.55 -9.88 -14.04
C VAL C 137 18.48 -8.88 -13.63
N ASN C 138 17.60 -9.30 -12.72
CA ASN C 138 16.37 -8.56 -12.49
C ASN C 138 16.60 -7.27 -11.72
N THR C 139 17.60 -7.21 -10.83
CA THR C 139 17.83 -5.97 -10.11
C THR C 139 19.06 -5.22 -10.62
N ARG C 140 20.23 -5.85 -10.68
CA ARG C 140 21.40 -5.13 -11.15
C ARG C 140 21.23 -4.70 -12.61
N GLY C 141 20.72 -5.59 -13.46
CA GLY C 141 20.56 -5.24 -14.86
C GLY C 141 19.51 -4.17 -15.08
N THR C 142 18.35 -4.32 -14.44
CA THR C 142 17.32 -3.29 -14.55
C THR C 142 17.84 -1.95 -14.07
N ALA C 143 18.58 -1.92 -12.96
CA ALA C 143 19.14 -0.66 -12.48
C ALA C 143 20.12 -0.07 -13.50
N ALA C 144 20.93 -0.91 -14.14
CA ALA C 144 21.87 -0.40 -15.14
C ALA C 144 21.14 0.21 -16.33
N CYS C 145 20.06 -0.44 -16.77
CA CYS C 145 19.28 0.11 -17.88
C CYS C 145 18.66 1.45 -17.53
N VAL C 146 18.06 1.56 -16.33
CA VAL C 146 17.47 2.84 -15.93
C VAL C 146 18.54 3.91 -15.86
N LYS C 147 19.70 3.60 -15.28
CA LYS C 147 20.78 4.59 -15.18
C LYS C 147 21.24 5.04 -16.57
N GLN C 148 21.59 4.09 -17.43
CA GLN C 148 22.17 4.46 -18.72
C GLN C 148 21.14 5.12 -19.61
N ALA C 149 19.90 4.64 -19.59
CA ALA C 149 18.86 5.31 -20.37
C ALA C 149 18.66 6.74 -19.88
N ALA C 150 18.59 6.93 -18.56
CA ALA C 150 18.40 8.27 -18.01
C ALA C 150 19.55 9.20 -18.36
N ARG C 151 20.79 8.72 -18.23
CA ARG C 151 21.92 9.58 -18.52
C ARG C 151 21.88 10.07 -19.97
N LYS C 152 21.56 9.18 -20.90
CA LYS C 152 21.51 9.56 -22.31
C LYS C 152 20.39 10.54 -22.57
N MET C 153 19.20 10.30 -22.00
CA MET C 153 18.08 11.23 -22.15
C MET C 153 18.46 12.64 -21.70
N VAL C 154 19.18 12.74 -20.58
CA VAL C 154 19.56 14.05 -20.06
C VAL C 154 20.59 14.69 -20.98
N GLU C 155 21.53 13.91 -21.50
CA GLU C 155 22.52 14.44 -22.44
C GLU C 155 21.82 15.01 -23.67
N LEU C 156 20.96 14.21 -24.32
CA LEU C 156 20.26 14.64 -25.52
C LEU C 156 19.25 15.75 -25.27
N GLY C 157 18.89 16.00 -24.02
CA GLY C 157 17.81 16.93 -23.76
C GLY C 157 16.45 16.41 -24.18
N THR C 158 16.26 15.10 -24.14
CA THR C 158 14.97 14.50 -24.46
C THR C 158 13.86 15.17 -23.66
N ARG C 159 12.77 15.51 -24.35
CA ARG C 159 11.61 16.12 -23.71
C ARG C 159 10.54 15.05 -23.54
N GLY C 160 10.07 14.89 -22.31
CA GLY C 160 9.05 13.90 -22.00
C GLY C 160 9.51 12.46 -22.14
N GLY C 161 10.75 12.16 -21.79
CA GLY C 161 11.22 10.79 -21.85
C GLY C 161 10.42 9.89 -20.91
N ALA C 162 10.44 8.59 -21.22
CA ALA C 162 9.70 7.59 -20.45
C ALA C 162 10.54 6.34 -20.27
N ILE C 163 10.70 5.92 -19.02
CA ILE C 163 11.34 4.65 -18.69
C ILE C 163 10.28 3.78 -18.01
N ILE C 164 10.13 2.55 -18.49
CA ILE C 164 9.08 1.65 -18.01
C ILE C 164 9.72 0.31 -17.69
N CYS C 165 9.48 -0.21 -16.49
CA CYS C 165 10.03 -1.50 -16.08
C CYS C 165 8.91 -2.51 -15.97
N THR C 166 9.18 -3.74 -16.43
CA THR C 166 8.20 -4.80 -16.29
C THR C 166 8.30 -5.35 -14.88
N SER C 167 7.19 -5.31 -14.17
CA SER C 167 7.12 -5.79 -12.81
C SER C 167 6.26 -7.04 -12.71
N SER C 168 5.49 -7.14 -11.64
CA SER C 168 4.74 -8.35 -11.33
C SER C 168 3.83 -8.04 -10.15
N PRO C 169 2.70 -8.72 -10.00
CA PRO C 169 1.99 -8.68 -8.73
C PRO C 169 2.89 -9.04 -7.57
N LEU C 170 3.95 -9.82 -7.81
CA LEU C 170 4.89 -10.22 -6.79
C LEU C 170 5.86 -9.10 -6.41
N ALA C 171 5.69 -7.91 -6.97
CA ALA C 171 6.42 -6.74 -6.46
C ALA C 171 5.75 -6.12 -5.24
N THR C 172 4.51 -6.50 -4.95
CA THR C 172 3.75 -5.90 -3.87
C THR C 172 3.13 -6.93 -2.94
N ARG C 173 3.37 -8.22 -3.19
CA ARG C 173 2.84 -9.29 -2.37
C ARG C 173 3.84 -10.42 -2.31
N GLY C 174 3.80 -11.18 -1.23
CA GLY C 174 4.71 -12.29 -1.07
C GLY C 174 4.35 -13.44 -1.98
N GLY C 175 5.28 -14.36 -2.15
CA GLY C 175 5.04 -15.57 -2.92
C GLY C 175 5.21 -16.82 -2.07
N HIS C 176 4.49 -17.89 -2.47
CA HIS C 176 4.65 -19.21 -1.87
C HIS C 176 5.90 -19.91 -2.38
N VAL C 177 6.36 -19.53 -3.56
CA VAL C 177 7.53 -20.06 -4.21
C VAL C 177 8.25 -18.90 -4.89
N ASP C 178 9.40 -19.21 -5.50
CA ASP C 178 10.18 -18.25 -6.27
C ASP C 178 10.46 -17.00 -5.43
N THR C 179 10.92 -17.24 -4.20
CA THR C 179 11.22 -16.14 -3.28
C THR C 179 12.26 -15.18 -3.85
N ASP C 180 13.23 -15.71 -4.60
CA ASP C 180 14.23 -14.83 -5.17
C ASP C 180 13.61 -13.91 -6.21
N TYR C 181 12.71 -14.45 -7.02
CA TYR C 181 12.02 -13.62 -8.00
C TYR C 181 11.18 -12.55 -7.30
N VAL C 182 10.46 -12.92 -6.24
CA VAL C 182 9.66 -11.96 -5.48
C VAL C 182 10.53 -10.83 -4.97
N MET C 183 11.65 -11.17 -4.31
CA MET C 183 12.52 -10.11 -3.81
C MET C 183 13.00 -9.22 -4.94
N SER C 184 13.29 -9.80 -6.11
CA SER C 184 13.85 -9.01 -7.20
C SER C 184 12.82 -8.01 -7.73
N LYS C 185 11.56 -8.43 -7.82
CA LYS C 185 10.50 -7.56 -8.33
C LYS C 185 10.13 -6.49 -7.30
N HIS C 186 10.14 -6.83 -6.01
CA HIS C 186 10.03 -5.79 -4.98
C HIS C 186 11.11 -4.73 -5.19
N ALA C 187 12.35 -5.17 -5.45
CA ALA C 187 13.46 -4.24 -5.63
C ALA C 187 13.24 -3.37 -6.86
N VAL C 188 12.75 -3.96 -7.97
CA VAL C 188 12.48 -3.17 -9.16
C VAL C 188 11.47 -2.06 -8.86
N LEU C 189 10.44 -2.37 -8.08
CA LEU C 189 9.48 -1.33 -7.70
C LEU C 189 10.15 -0.21 -6.89
N GLY C 190 11.07 -0.56 -5.99
CA GLY C 190 11.81 0.49 -5.28
C GLY C 190 12.65 1.35 -6.21
N LEU C 191 13.25 0.72 -7.22
CA LEU C 191 13.99 1.46 -8.25
C LEU C 191 13.08 2.41 -9.02
N VAL C 192 11.89 1.94 -9.39
CA VAL C 192 10.95 2.77 -10.13
C VAL C 192 10.55 3.98 -9.31
N ARG C 193 10.17 3.76 -8.04
CA ARG C 193 9.81 4.87 -7.17
C ARG C 193 10.95 5.87 -7.02
N SER C 194 12.16 5.38 -6.78
CA SER C 194 13.30 6.27 -6.57
C SER C 194 13.66 7.03 -7.84
N ALA C 195 13.70 6.32 -8.97
CA ALA C 195 14.02 6.98 -10.22
C ALA C 195 12.97 8.02 -10.61
N SER C 196 11.68 7.76 -10.33
CA SER C 196 10.67 8.76 -10.63
C SER C 196 10.92 10.05 -9.85
N MET C 197 11.26 9.93 -8.56
CA MET C 197 11.52 11.13 -7.78
C MET C 197 12.78 11.85 -8.22
N GLN C 198 13.79 11.14 -8.68
CA GLN C 198 15.05 11.78 -9.03
C GLN C 198 15.08 12.31 -10.45
N LEU C 199 14.42 11.65 -11.40
CA LEU C 199 14.49 12.06 -12.79
C LEU C 199 13.35 12.97 -13.20
N GLY C 200 12.34 13.16 -12.33
CA GLY C 200 11.28 14.12 -12.64
C GLY C 200 11.81 15.50 -12.95
N ALA C 201 12.93 15.89 -12.33
CA ALA C 201 13.56 17.18 -12.59
C ALA C 201 13.93 17.34 -14.07
N HIS C 202 14.23 16.24 -14.74
CA HIS C 202 14.54 16.23 -16.17
C HIS C 202 13.32 15.97 -17.04
N GLY C 203 12.11 16.00 -16.48
CA GLY C 203 10.92 15.66 -17.24
C GLY C 203 10.82 14.21 -17.65
N ILE C 204 11.65 13.36 -17.08
CA ILE C 204 11.60 11.93 -17.37
C ILE C 204 10.60 11.29 -16.42
N ARG C 205 9.69 10.50 -16.97
CA ARG C 205 8.72 9.74 -16.19
C ARG C 205 9.18 8.29 -16.07
N VAL C 206 9.06 7.73 -14.88
CA VAL C 206 9.45 6.34 -14.66
C VAL C 206 8.26 5.61 -14.06
N ASN C 207 7.87 4.50 -14.69
CA ASN C 207 6.69 3.72 -14.28
C ASN C 207 6.97 2.24 -14.43
N SER C 208 6.07 1.41 -13.91
CA SER C 208 6.16 -0.02 -14.15
C SER C 208 4.81 -0.54 -14.63
N VAL C 209 4.85 -1.72 -15.26
CA VAL C 209 3.65 -2.47 -15.64
C VAL C 209 3.78 -3.87 -15.03
N SER C 210 2.72 -4.31 -14.34
CA SER C 210 2.74 -5.55 -13.56
C SER C 210 1.64 -6.47 -14.07
N PRO C 211 1.96 -7.34 -15.02
CA PRO C 211 0.96 -8.27 -15.56
C PRO C 211 0.93 -9.57 -14.75
N MET C 212 -0.18 -10.28 -14.87
CA MET C 212 -0.22 -11.53 -14.11
C MET C 212 0.35 -12.69 -14.91
N ALA C 213 -0.46 -13.43 -15.65
CA ALA C 213 0.02 -14.64 -16.33
C ALA C 213 -0.12 -14.46 -17.83
N VAL C 214 1.02 -14.33 -18.51
CA VAL C 214 1.08 -14.17 -19.96
C VAL C 214 1.73 -15.43 -20.53
N LEU C 215 1.16 -15.95 -21.62
CA LEU C 215 1.74 -17.14 -22.24
C LEU C 215 3.01 -16.76 -22.99
N THR C 216 4.16 -17.10 -22.41
CA THR C 216 5.47 -16.85 -23.02
C THR C 216 6.36 -18.06 -22.80
N PRO C 217 7.58 -18.07 -23.33
CA PRO C 217 8.52 -19.15 -22.98
C PRO C 217 8.80 -19.26 -21.48
N LEU C 218 8.72 -18.16 -20.73
CA LEU C 218 8.95 -18.22 -19.28
C LEU C 218 7.87 -19.01 -18.57
N THR C 219 6.60 -18.68 -18.83
CA THR C 219 5.52 -19.41 -18.19
C THR C 219 5.43 -20.84 -18.71
N ARG C 220 5.92 -21.10 -19.92
CA ARG C 220 5.99 -22.47 -20.40
C ARG C 220 6.97 -23.29 -19.56
N ARG C 221 8.10 -22.68 -19.17
CA ARG C 221 9.02 -23.36 -18.27
C ARG C 221 8.40 -23.62 -16.91
N MET C 222 7.36 -22.87 -16.54
CA MET C 222 6.65 -23.06 -15.29
C MET C 222 5.57 -24.15 -15.36
N GLY C 223 5.17 -24.55 -16.56
CA GLY C 223 4.10 -25.53 -16.72
C GLY C 223 2.86 -25.01 -17.41
N LEU C 224 2.80 -23.73 -17.75
CA LEU C 224 1.63 -23.14 -18.39
C LEU C 224 1.90 -23.04 -19.89
N ALA C 225 1.32 -23.96 -20.66
CA ALA C 225 1.53 -24.00 -22.10
C ALA C 225 0.36 -23.42 -22.88
N THR C 226 -0.86 -23.63 -22.43
CA THR C 226 -2.06 -23.30 -23.18
C THR C 226 -2.95 -22.35 -22.39
N PRO C 227 -3.81 -21.59 -23.08
CA PRO C 227 -4.82 -20.80 -22.38
C PRO C 227 -5.61 -21.60 -21.36
N ALA C 228 -5.84 -22.90 -21.61
CA ALA C 228 -6.56 -23.73 -20.65
C ALA C 228 -5.72 -24.01 -19.40
N ASP C 229 -4.39 -24.06 -19.55
CA ASP C 229 -3.54 -24.22 -18.39
C ASP C 229 -3.63 -22.99 -17.49
N VAL C 230 -3.63 -21.79 -18.09
CA VAL C 230 -3.70 -20.57 -17.31
C VAL C 230 -5.00 -20.52 -16.52
N GLU C 231 -6.12 -20.76 -17.20
CA GLU C 231 -7.42 -20.78 -16.53
C GLU C 231 -7.47 -21.80 -15.41
N ASN C 232 -6.82 -22.95 -15.59
CA ASN C 232 -6.86 -23.97 -14.57
C ASN C 232 -5.96 -23.65 -13.38
N ALA C 233 -4.92 -22.84 -13.59
CA ALA C 233 -4.03 -22.49 -12.49
C ALA C 233 -4.43 -21.20 -11.80
N LEU C 234 -4.94 -20.22 -12.56
CA LEU C 234 -5.17 -18.88 -12.03
C LEU C 234 -6.62 -18.44 -12.12
N GLY C 235 -7.48 -19.18 -12.84
CA GLY C 235 -8.82 -18.68 -13.15
C GLY C 235 -9.64 -18.37 -11.92
N ARG C 236 -9.64 -19.28 -10.94
CA ARG C 236 -10.45 -19.07 -9.75
C ARG C 236 -9.88 -18.00 -8.84
N PHE C 237 -8.65 -17.55 -9.08
CA PHE C 237 -8.06 -16.49 -8.28
C PHE C 237 -8.18 -15.12 -8.94
N THR C 238 -8.86 -15.05 -10.08
CA THR C 238 -8.96 -13.84 -10.89
C THR C 238 -10.41 -13.37 -10.90
N SER C 239 -10.63 -12.10 -10.58
CA SER C 239 -11.99 -11.59 -10.47
C SER C 239 -12.65 -11.47 -11.84
N LEU C 240 -11.93 -10.95 -12.82
CA LEU C 240 -12.49 -10.60 -14.12
C LEU C 240 -12.63 -11.87 -14.95
N LYS C 241 -13.85 -12.16 -15.40
CA LYS C 241 -14.13 -13.32 -16.24
C LYS C 241 -14.40 -12.87 -17.67
N GLY C 242 -14.19 -13.79 -18.61
CA GLY C 242 -14.56 -13.58 -20.00
C GLY C 242 -13.46 -13.06 -20.89
N VAL C 243 -12.24 -12.92 -20.38
CA VAL C 243 -11.11 -12.39 -21.14
C VAL C 243 -9.85 -13.01 -20.57
N ALA C 244 -8.95 -13.42 -21.47
CA ALA C 244 -7.64 -13.93 -21.07
C ALA C 244 -6.60 -12.85 -21.32
N LEU C 245 -5.65 -12.73 -20.40
CA LEU C 245 -4.58 -11.77 -20.54
C LEU C 245 -3.63 -12.21 -21.65
N THR C 246 -3.27 -11.28 -22.52
CA THR C 246 -2.35 -11.50 -23.63
C THR C 246 -1.15 -10.55 -23.56
N ALA C 247 -0.05 -10.95 -24.21
CA ALA C 247 1.09 -10.07 -24.32
C ALA C 247 0.72 -8.73 -24.93
N GLU C 248 -0.27 -8.73 -25.84
CA GLU C 248 -0.73 -7.47 -26.42
C GLU C 248 -1.29 -6.54 -25.35
N HIS C 249 -2.06 -7.08 -24.40
CA HIS C 249 -2.58 -6.26 -23.31
C HIS C 249 -1.45 -5.56 -22.56
N VAL C 250 -0.39 -6.29 -22.23
CA VAL C 250 0.73 -5.69 -21.50
C VAL C 250 1.40 -4.63 -22.34
N ALA C 251 1.63 -4.92 -23.63
CA ALA C 251 2.27 -3.94 -24.49
C ALA C 251 1.42 -2.69 -24.64
N GLU C 252 0.08 -2.83 -24.62
CA GLU C 252 -0.77 -1.64 -24.71
C GLU C 252 -0.68 -0.80 -23.44
N ALA C 253 -0.62 -1.44 -22.27
CA ALA C 253 -0.40 -0.70 -21.04
C ALA C 253 0.91 0.07 -21.11
N ALA C 254 1.99 -0.58 -21.57
CA ALA C 254 3.28 0.10 -21.68
C ALA C 254 3.23 1.25 -22.68
N ALA C 255 2.61 1.01 -23.85
CA ALA C 255 2.51 2.05 -24.85
C ALA C 255 1.76 3.26 -24.30
N PHE C 256 0.67 3.01 -23.56
CA PHE C 256 -0.02 4.12 -22.89
C PHE C 256 0.95 4.90 -22.01
N LEU C 257 1.67 4.20 -21.13
CA LEU C 257 2.57 4.85 -20.20
C LEU C 257 3.66 5.63 -20.92
N ALA C 258 4.08 5.15 -22.10
CA ALA C 258 5.15 5.77 -22.85
C ALA C 258 4.69 7.00 -23.64
N SER C 259 3.38 7.17 -23.79
CA SER C 259 2.82 8.20 -24.66
C SER C 259 2.46 9.44 -23.88
N ASP C 260 2.05 10.47 -24.62
CA ASP C 260 1.56 11.70 -24.02
C ASP C 260 0.21 11.54 -23.36
N GLU C 261 -0.50 10.44 -23.63
CA GLU C 261 -1.71 10.15 -22.87
C GLU C 261 -1.41 10.00 -21.38
N ALA C 262 -0.14 9.76 -21.02
CA ALA C 262 0.31 9.57 -19.65
C ALA C 262 1.32 10.64 -19.23
N ALA C 263 1.14 11.85 -19.77
CA ALA C 263 2.14 12.92 -19.65
C ALA C 263 2.42 13.29 -18.20
N PHE C 264 1.48 13.05 -17.28
CA PHE C 264 1.66 13.44 -15.89
C PHE C 264 1.73 12.23 -14.96
N ILE C 265 1.97 11.03 -15.50
CA ILE C 265 2.00 9.81 -14.71
C ILE C 265 3.44 9.40 -14.52
N THR C 266 3.88 9.36 -13.26
CA THR C 266 5.22 8.89 -12.96
C THR C 266 5.26 8.32 -11.55
N GLY C 267 6.16 7.37 -11.34
CA GLY C 267 6.21 6.67 -10.08
C GLY C 267 5.09 5.66 -9.89
N HIS C 268 4.39 5.31 -10.95
CA HIS C 268 3.17 4.53 -10.84
C HIS C 268 3.40 3.08 -11.26
N ASP C 269 2.74 2.15 -10.57
CA ASP C 269 2.77 0.74 -10.89
C ASP C 269 1.42 0.39 -11.52
N LEU C 270 1.39 0.22 -12.84
CA LEU C 270 0.15 -0.06 -13.56
C LEU C 270 -0.08 -1.57 -13.56
N VAL C 271 -1.07 -2.02 -12.78
CA VAL C 271 -1.29 -3.43 -12.55
C VAL C 271 -2.30 -3.93 -13.56
N VAL C 272 -1.95 -5.05 -14.22
CA VAL C 272 -2.73 -5.66 -15.29
C VAL C 272 -2.91 -7.10 -14.88
N ASP C 273 -3.77 -7.34 -13.90
CA ASP C 273 -3.91 -8.67 -13.32
C ASP C 273 -5.34 -9.20 -13.26
N GLY C 274 -6.32 -8.48 -13.78
CA GLY C 274 -7.68 -8.98 -13.80
C GLY C 274 -8.34 -9.06 -12.45
N GLY C 275 -7.81 -8.33 -11.47
CA GLY C 275 -8.34 -8.45 -10.13
C GLY C 275 -7.92 -9.74 -9.45
N LEU C 276 -6.60 -9.92 -9.33
CA LEU C 276 -6.03 -11.11 -8.73
C LEU C 276 -6.33 -11.12 -7.23
N LEU C 277 -7.11 -12.10 -6.80
CA LEU C 277 -7.51 -12.18 -5.39
C LEU C 277 -6.34 -12.60 -4.51
N CYS C 278 -5.53 -13.53 -5.00
CA CYS C 278 -4.38 -14.01 -4.27
C CYS C 278 -3.57 -14.89 -5.20
N LEU C 279 -2.33 -15.15 -4.81
CA LEU C 279 -1.54 -16.13 -5.53
C LEU C 279 -2.10 -17.52 -5.26
N PRO C 280 -2.00 -18.43 -6.24
CA PRO C 280 -2.50 -19.79 -6.07
C PRO C 280 -1.83 -20.49 -4.89
N LYS D 24 -10.69 4.60 -29.76
CA LYS D 24 -10.67 3.89 -28.48
C LYS D 24 -12.04 3.51 -27.98
N LEU D 25 -12.96 4.47 -28.11
CA LEU D 25 -14.29 4.35 -27.52
C LEU D 25 -15.37 4.29 -28.58
N GLU D 26 -15.04 3.88 -29.80
CA GLU D 26 -16.02 3.88 -30.88
C GLU D 26 -17.26 3.08 -30.52
N GLY D 27 -18.42 3.69 -30.73
CA GLY D 27 -19.67 2.99 -30.54
C GLY D 27 -20.11 2.82 -29.10
N LYS D 28 -19.35 3.34 -28.14
CA LYS D 28 -19.73 3.18 -26.74
C LYS D 28 -20.66 4.29 -26.30
N VAL D 29 -21.54 3.96 -25.36
CA VAL D 29 -22.39 4.91 -24.67
C VAL D 29 -21.84 5.14 -23.27
N ALA D 30 -21.63 6.39 -22.91
CA ALA D 30 -21.03 6.74 -21.63
C ALA D 30 -21.91 7.72 -20.87
N ILE D 31 -21.92 7.58 -19.54
CA ILE D 31 -22.50 8.57 -18.65
C ILE D 31 -21.37 9.20 -17.85
N VAL D 32 -21.39 10.53 -17.71
CA VAL D 32 -20.40 11.26 -16.92
C VAL D 32 -21.16 12.03 -15.85
N THR D 33 -21.12 11.56 -14.60
CA THR D 33 -21.69 12.37 -13.54
C THR D 33 -20.77 13.56 -13.24
N GLY D 34 -21.37 14.68 -12.82
CA GLY D 34 -20.61 15.90 -12.70
C GLY D 34 -20.06 16.44 -14.00
N GLY D 35 -20.66 16.07 -15.14
CA GLY D 35 -20.13 16.50 -16.43
C GLY D 35 -20.44 17.93 -16.85
N ALA D 36 -21.04 18.73 -15.97
CA ALA D 36 -21.33 20.12 -16.33
C ALA D 36 -20.15 21.03 -16.10
N SER D 37 -19.07 20.54 -15.47
CA SER D 37 -18.01 21.42 -14.98
C SER D 37 -16.71 20.64 -14.91
N GLY D 38 -15.60 21.37 -14.94
CA GLY D 38 -14.32 20.82 -14.53
C GLY D 38 -13.91 19.54 -15.22
N ILE D 39 -13.46 18.57 -14.42
CA ILE D 39 -12.94 17.34 -14.98
C ILE D 39 -14.02 16.61 -15.77
N GLY D 40 -15.22 16.53 -15.22
CA GLY D 40 -16.29 15.82 -15.91
C GLY D 40 -16.61 16.42 -17.26
N GLU D 41 -16.65 17.76 -17.33
CA GLU D 41 -16.90 18.41 -18.61
C GLU D 41 -15.84 18.00 -19.64
N THR D 42 -14.56 18.17 -19.29
CA THR D 42 -13.49 17.77 -20.20
C THR D 42 -13.57 16.30 -20.56
N ALA D 43 -13.92 15.44 -19.59
CA ALA D 43 -14.03 14.00 -19.88
C ALA D 43 -15.11 13.73 -20.92
N ALA D 44 -16.27 14.37 -20.78
CA ALA D 44 -17.32 14.21 -21.79
C ALA D 44 -16.83 14.64 -23.16
N ARG D 45 -16.16 15.79 -23.24
CA ARG D 45 -15.61 16.26 -24.52
C ARG D 45 -14.62 15.25 -25.10
N ILE D 46 -13.73 14.72 -24.25
CA ILE D 46 -12.70 13.81 -24.74
C ILE D 46 -13.29 12.45 -25.10
N PHE D 47 -14.27 11.97 -24.32
CA PHE D 47 -14.90 10.71 -24.70
C PHE D 47 -15.52 10.81 -26.09
N ALA D 48 -16.16 11.93 -26.38
CA ALA D 48 -16.76 12.11 -27.70
C ALA D 48 -15.69 12.18 -28.78
N ASP D 49 -14.59 12.88 -28.50
CA ASP D 49 -13.49 12.94 -29.46
C ASP D 49 -12.93 11.54 -29.72
N HIS D 50 -13.07 10.62 -28.76
CA HIS D 50 -12.61 9.26 -28.90
C HIS D 50 -13.66 8.34 -29.51
N GLY D 51 -14.69 8.91 -30.11
CA GLY D 51 -15.63 8.11 -30.88
C GLY D 51 -16.79 7.56 -30.10
N ALA D 52 -17.04 8.05 -28.90
CA ALA D 52 -18.22 7.62 -28.16
C ALA D 52 -19.47 7.88 -28.99
N ARG D 53 -20.32 6.85 -29.09
CA ARG D 53 -21.60 7.01 -29.78
C ARG D 53 -22.45 8.10 -29.11
N ALA D 54 -22.54 8.05 -27.77
CA ALA D 54 -23.34 9.02 -27.02
C ALA D 54 -22.69 9.25 -25.67
N VAL D 55 -22.70 10.50 -25.22
CA VAL D 55 -22.20 10.89 -23.90
C VAL D 55 -23.34 11.63 -23.20
N VAL D 56 -23.76 11.09 -22.06
CA VAL D 56 -24.80 11.72 -21.26
C VAL D 56 -24.15 12.39 -20.06
N ILE D 57 -24.35 13.70 -19.95
CA ILE D 57 -23.91 14.46 -18.79
C ILE D 57 -25.01 14.41 -17.74
N ALA D 58 -24.67 13.93 -16.53
CA ALA D 58 -25.60 13.86 -15.42
C ALA D 58 -25.08 14.79 -14.32
N ASP D 59 -25.86 15.82 -13.99
CA ASP D 59 -25.39 16.84 -13.09
C ASP D 59 -26.60 17.49 -12.45
N ILE D 60 -26.36 18.50 -11.61
CA ILE D 60 -27.41 19.28 -10.97
C ILE D 60 -27.40 20.73 -11.44
N GLN D 61 -26.48 21.10 -12.33
CA GLN D 61 -26.39 22.47 -12.85
C GLN D 61 -26.98 22.44 -14.25
N SER D 62 -28.30 22.63 -14.33
CA SER D 62 -29.04 22.31 -15.55
C SER D 62 -28.58 23.17 -16.72
N GLU D 63 -28.48 24.49 -16.53
CA GLU D 63 -28.20 25.32 -17.69
C GLU D 63 -26.74 25.22 -18.09
N LEU D 64 -25.83 25.30 -17.12
CA LEU D 64 -24.43 24.96 -17.39
C LEU D 64 -24.31 23.64 -18.14
N GLY D 65 -25.02 22.61 -17.66
CA GLY D 65 -24.89 21.30 -18.27
C GLY D 65 -25.41 21.26 -19.70
N ARG D 66 -26.57 21.85 -19.93
CA ARG D 66 -27.07 21.95 -21.30
C ARG D 66 -26.08 22.67 -22.20
N MET D 67 -25.44 23.72 -21.68
CA MET D 67 -24.42 24.42 -22.46
C MET D 67 -23.31 23.47 -22.90
N VAL D 68 -22.78 22.67 -21.97
CA VAL D 68 -21.74 21.70 -22.33
C VAL D 68 -22.27 20.75 -23.38
N ALA D 69 -23.51 20.29 -23.22
CA ALA D 69 -24.04 19.29 -24.14
C ALA D 69 -24.13 19.82 -25.57
N GLU D 70 -24.59 21.06 -25.74
CA GLU D 70 -24.65 21.63 -27.09
C GLU D 70 -23.26 21.92 -27.63
N SER D 71 -22.36 22.35 -26.75
CA SER D 71 -20.98 22.61 -27.17
C SER D 71 -20.35 21.34 -27.73
N ILE D 72 -20.61 20.20 -27.09
CA ILE D 72 -20.09 18.93 -27.60
C ILE D 72 -20.77 18.55 -28.90
N GLY D 73 -22.04 18.93 -29.06
CA GLY D 73 -22.79 18.52 -30.22
C GLY D 73 -24.07 17.83 -29.81
N ALA D 74 -25.21 18.52 -29.99
CA ALA D 74 -26.49 18.05 -29.48
C ALA D 74 -26.86 16.67 -30.01
N LYS D 75 -26.19 16.16 -31.04
CA LYS D 75 -26.49 14.85 -31.60
C LYS D 75 -25.57 13.76 -31.08
N ARG D 76 -24.55 14.12 -30.29
CA ARG D 76 -23.64 13.16 -29.67
C ARG D 76 -23.74 13.15 -28.15
N CYS D 77 -24.39 14.15 -27.56
CA CYS D 77 -24.31 14.39 -26.13
C CYS D 77 -25.65 14.94 -25.65
N SER D 78 -26.13 14.40 -24.53
CA SER D 78 -27.38 14.82 -23.90
C SER D 78 -27.13 15.14 -22.43
N TYR D 79 -28.00 15.97 -21.85
CA TYR D 79 -27.93 16.32 -20.44
C TYR D 79 -29.13 15.74 -19.69
N VAL D 80 -28.90 15.28 -18.46
CA VAL D 80 -29.96 14.78 -17.60
C VAL D 80 -29.74 15.34 -16.21
N GLN D 81 -30.79 15.94 -15.64
CA GLN D 81 -30.73 16.43 -14.27
C GLN D 81 -30.73 15.26 -13.30
N CYS D 82 -29.70 15.17 -12.46
CA CYS D 82 -29.54 13.99 -11.63
C CYS D 82 -28.71 14.34 -10.41
N ASP D 83 -29.35 14.39 -9.25
CA ASP D 83 -28.64 14.47 -7.98
C ASP D 83 -28.21 13.05 -7.59
N ILE D 84 -26.91 12.76 -7.66
CA ILE D 84 -26.49 11.37 -7.51
C ILE D 84 -26.71 10.82 -6.11
N ALA D 85 -26.92 11.68 -5.11
CA ALA D 85 -27.21 11.20 -3.76
C ALA D 85 -28.61 10.60 -3.65
N ASP D 86 -29.45 10.85 -4.65
CA ASP D 86 -30.82 10.32 -4.66
C ASP D 86 -30.82 9.12 -5.59
N GLU D 87 -30.93 7.92 -5.02
CA GLU D 87 -30.79 6.70 -5.82
C GLU D 87 -31.85 6.62 -6.90
N GLU D 88 -33.02 7.17 -6.65
CA GLU D 88 -34.09 7.10 -7.64
C GLU D 88 -33.77 7.98 -8.86
N GLN D 89 -33.11 9.12 -8.63
CA GLN D 89 -32.69 9.96 -9.76
C GLN D 89 -31.56 9.29 -10.55
N VAL D 90 -30.68 8.56 -9.88
CA VAL D 90 -29.63 7.82 -10.58
C VAL D 90 -30.25 6.71 -11.43
N LYS D 91 -31.16 5.95 -10.84
CA LYS D 91 -31.79 4.88 -11.59
C LYS D 91 -32.47 5.43 -12.84
N SER D 92 -33.16 6.57 -12.71
CA SER D 92 -33.87 7.19 -13.83
C SER D 92 -32.89 7.62 -14.92
N ALA D 93 -31.78 8.23 -14.53
CA ALA D 93 -30.79 8.66 -15.51
C ALA D 93 -30.19 7.48 -16.24
N VAL D 94 -29.89 6.40 -15.49
CA VAL D 94 -29.35 5.20 -16.10
C VAL D 94 -30.37 4.59 -17.07
N GLU D 95 -31.63 4.47 -16.63
CA GLU D 95 -32.67 3.91 -17.49
C GLU D 95 -32.88 4.78 -18.73
N TRP D 96 -33.01 6.08 -18.55
CA TRP D 96 -33.18 6.96 -19.70
C TRP D 96 -32.03 6.80 -20.69
N THR D 97 -30.78 6.70 -20.20
CA THR D 97 -29.64 6.57 -21.09
C THR D 97 -29.70 5.28 -21.88
N ALA D 98 -29.96 4.16 -21.21
CA ALA D 98 -29.94 2.89 -21.93
C ALA D 98 -31.08 2.82 -22.95
N THR D 99 -32.24 3.37 -22.61
CA THR D 99 -33.39 3.32 -23.50
C THR D 99 -33.16 4.20 -24.73
N THR D 100 -32.74 5.44 -24.52
CA THR D 100 -32.50 6.35 -25.64
C THR D 100 -31.42 5.82 -26.57
N TYR D 101 -30.31 5.30 -26.03
CA TYR D 101 -29.17 4.96 -26.87
C TYR D 101 -28.95 3.46 -27.03
N GLY D 102 -29.74 2.62 -26.37
CA GLY D 102 -29.66 1.19 -26.60
C GLY D 102 -28.50 0.49 -25.93
N GLY D 103 -27.87 1.10 -24.93
CA GLY D 103 -26.78 0.43 -24.24
C GLY D 103 -26.20 1.31 -23.17
N LEU D 104 -25.30 0.73 -22.40
CA LEU D 104 -24.54 1.48 -21.40
C LEU D 104 -23.18 0.81 -21.28
N ASP D 105 -22.14 1.48 -21.74
CA ASP D 105 -20.82 0.86 -21.75
C ASP D 105 -19.85 1.47 -20.75
N VAL D 106 -19.99 2.77 -20.45
CA VAL D 106 -19.06 3.43 -19.54
C VAL D 106 -19.87 4.30 -18.57
N MET D 107 -19.66 4.08 -17.27
CA MET D 107 -20.10 4.95 -16.18
C MET D 107 -18.88 5.63 -15.58
N PHE D 108 -18.74 6.94 -15.79
CA PHE D 108 -17.68 7.73 -15.16
C PHE D 108 -18.30 8.41 -13.94
N CYS D 109 -18.09 7.81 -12.76
CA CYS D 109 -18.65 8.32 -11.49
C CYS D 109 -17.72 9.40 -10.97
N ASN D 110 -17.99 10.63 -11.38
CA ASN D 110 -17.03 11.70 -11.22
C ASN D 110 -17.50 12.81 -10.29
N ALA D 111 -18.80 13.00 -10.14
CA ALA D 111 -19.29 14.08 -9.28
C ALA D 111 -18.75 13.95 -7.87
N GLY D 112 -18.40 15.09 -7.28
CA GLY D 112 -17.83 15.11 -5.95
C GLY D 112 -17.74 16.54 -5.47
N ILE D 113 -17.72 16.69 -4.14
CA ILE D 113 -17.72 18.01 -3.52
C ILE D 113 -16.74 18.02 -2.35
N MET D 114 -16.34 19.23 -1.98
CA MET D 114 -15.59 19.48 -0.76
C MET D 114 -16.40 20.44 0.10
N SER D 115 -16.05 20.48 1.38
CA SER D 115 -16.52 21.51 2.28
C SER D 115 -15.54 22.65 2.13
N HIS D 116 -16.03 23.82 1.85
CA HIS D 116 -15.09 24.93 1.76
C HIS D 116 -15.16 25.72 3.05
N SER D 117 -14.81 24.99 4.11
CA SER D 117 -15.01 25.43 5.48
C SER D 117 -13.93 26.42 5.92
N ASP D 118 -14.36 27.44 6.66
CA ASP D 118 -13.43 28.50 7.07
C ASP D 118 -12.32 27.94 7.96
N SER D 119 -12.64 26.96 8.81
CA SER D 119 -11.65 26.34 9.67
C SER D 119 -11.07 25.06 9.09
N GLY D 120 -11.35 24.75 7.83
CA GLY D 120 -10.59 23.77 7.07
C GLY D 120 -10.95 22.31 7.29
N GLN D 121 -12.02 22.00 8.03
CA GLN D 121 -12.41 20.61 8.36
C GLN D 121 -11.21 19.83 8.88
N THR D 122 -10.43 20.45 9.77
CA THR D 122 -9.49 19.69 10.57
C THR D 122 -10.25 18.80 11.56
N VAL D 123 -9.57 17.78 12.05
CA VAL D 123 -10.20 16.89 13.02
C VAL D 123 -10.69 17.68 14.22
N MET D 124 -9.88 18.61 14.70
CA MET D 124 -10.34 19.26 15.91
C MET D 124 -11.43 20.28 15.66
N GLU D 125 -11.59 20.79 14.44
CA GLU D 125 -12.66 21.72 14.14
C GLU D 125 -13.69 21.08 13.21
N LEU D 126 -13.83 19.76 13.29
CA LEU D 126 -14.63 19.08 12.27
C LEU D 126 -16.08 19.51 12.40
N ASP D 127 -16.61 20.10 11.35
CA ASP D 127 -18.02 20.48 11.29
C ASP D 127 -18.81 19.27 10.83
N MET D 128 -19.55 18.66 11.76
CA MET D 128 -20.13 17.36 11.48
C MET D 128 -21.25 17.47 10.46
N SER D 129 -21.95 18.61 10.44
CA SER D 129 -22.97 18.85 9.43
C SER D 129 -22.37 18.96 8.03
N LYS D 130 -21.22 19.63 7.91
CA LYS D 130 -20.56 19.73 6.61
C LYS D 130 -19.95 18.40 6.20
N PHE D 131 -19.39 17.68 7.19
CA PHE D 131 -18.99 16.29 6.99
C PHE D 131 -20.12 15.48 6.36
N ASP D 132 -21.34 15.60 6.91
CA ASP D 132 -22.46 14.83 6.38
C ASP D 132 -22.70 15.14 4.90
N GLU D 133 -22.59 16.41 4.50
CA GLU D 133 -22.84 16.76 3.11
C GLU D 133 -21.82 16.13 2.18
N VAL D 134 -20.55 16.21 2.55
CA VAL D 134 -19.49 15.63 1.72
C VAL D 134 -19.68 14.12 1.61
N MET D 135 -19.92 13.44 2.74
CA MET D 135 -20.07 11.99 2.67
C MET D 135 -21.31 11.60 1.88
N ARG D 136 -22.37 12.41 1.93
CA ARG D 136 -23.58 12.10 1.17
C ARG D 136 -23.32 12.08 -0.34
N VAL D 137 -22.67 13.11 -0.88
CA VAL D 137 -22.41 13.14 -2.30
C VAL D 137 -21.31 12.15 -2.65
N ASN D 138 -20.20 12.18 -1.92
CA ASN D 138 -19.01 11.52 -2.41
C ASN D 138 -19.06 10.01 -2.16
N THR D 139 -19.77 9.55 -1.11
CA THR D 139 -19.80 8.11 -0.87
C THR D 139 -21.16 7.50 -1.17
N ARG D 140 -22.25 8.09 -0.66
CA ARG D 140 -23.57 7.56 -0.96
C ARG D 140 -23.91 7.70 -2.44
N GLY D 141 -23.64 8.88 -3.01
CA GLY D 141 -23.92 9.09 -4.43
C GLY D 141 -23.06 8.21 -5.33
N THR D 142 -21.75 8.18 -5.07
CA THR D 142 -20.91 7.30 -5.87
C THR D 142 -21.36 5.84 -5.75
N ALA D 143 -21.69 5.37 -4.56
CA ALA D 143 -22.15 3.99 -4.41
C ALA D 143 -23.43 3.76 -5.20
N ALA D 144 -24.39 4.69 -5.09
CA ALA D 144 -25.61 4.52 -5.86
C ALA D 144 -25.33 4.48 -7.36
N CYS D 145 -24.35 5.26 -7.82
CA CYS D 145 -24.03 5.28 -9.25
C CYS D 145 -23.39 3.97 -9.71
N VAL D 146 -22.44 3.46 -8.93
CA VAL D 146 -21.84 2.17 -9.25
C VAL D 146 -22.91 1.07 -9.27
N LYS D 147 -23.77 1.04 -8.24
CA LYS D 147 -24.83 0.03 -8.18
C LYS D 147 -25.76 0.09 -9.39
N GLN D 148 -26.31 1.28 -9.68
CA GLN D 148 -27.32 1.36 -10.73
C GLN D 148 -26.72 1.13 -12.11
N ALA D 149 -25.50 1.59 -12.34
CA ALA D 149 -24.82 1.31 -13.60
C ALA D 149 -24.53 -0.18 -13.74
N ALA D 150 -24.04 -0.82 -12.68
CA ALA D 150 -23.79 -2.26 -12.74
C ALA D 150 -25.07 -3.04 -13.05
N ARG D 151 -26.16 -2.71 -12.35
CA ARG D 151 -27.40 -3.42 -12.59
C ARG D 151 -27.85 -3.29 -14.05
N LYS D 152 -27.69 -2.11 -14.64
CA LYS D 152 -28.12 -1.92 -16.02
C LYS D 152 -27.21 -2.66 -17.00
N MET D 153 -25.89 -2.60 -16.82
CA MET D 153 -25.02 -3.38 -17.69
C MET D 153 -25.30 -4.87 -17.60
N VAL D 154 -25.58 -5.38 -16.40
CA VAL D 154 -25.88 -6.80 -16.27
C VAL D 154 -27.18 -7.13 -16.99
N GLU D 155 -28.23 -6.33 -16.75
CA GLU D 155 -29.51 -6.57 -17.41
C GLU D 155 -29.34 -6.54 -18.94
N LEU D 156 -28.56 -5.59 -19.46
CA LEU D 156 -28.35 -5.48 -20.90
C LEU D 156 -27.40 -6.52 -21.46
N GLY D 157 -26.70 -7.27 -20.62
CA GLY D 157 -25.62 -8.11 -21.11
C GLY D 157 -24.47 -7.35 -21.72
N THR D 158 -24.23 -6.12 -21.25
CA THR D 158 -23.09 -5.33 -21.69
C THR D 158 -21.81 -6.15 -21.63
N ARG D 159 -21.06 -6.15 -22.73
CA ARG D 159 -19.78 -6.85 -22.77
C ARG D 159 -18.64 -5.83 -22.62
N GLY D 160 -17.68 -6.15 -21.77
CA GLY D 160 -16.57 -5.23 -21.51
C GLY D 160 -16.97 -3.91 -20.90
N GLY D 161 -18.02 -3.89 -20.06
CA GLY D 161 -18.44 -2.64 -19.45
C GLY D 161 -17.37 -2.10 -18.52
N ALA D 162 -17.36 -0.77 -18.33
CA ALA D 162 -16.35 -0.11 -17.53
C ALA D 162 -17.00 0.90 -16.60
N ILE D 163 -16.64 0.84 -15.32
CA ILE D 163 -17.08 1.81 -14.34
C ILE D 163 -15.81 2.42 -13.74
N ILE D 164 -15.72 3.74 -13.74
CA ILE D 164 -14.54 4.45 -13.29
C ILE D 164 -14.97 5.54 -12.32
N CYS D 165 -14.31 5.59 -11.16
CA CYS D 165 -14.59 6.62 -10.17
C CYS D 165 -13.41 7.59 -10.10
N THR D 166 -13.74 8.88 -10.03
CA THR D 166 -12.71 9.90 -9.81
C THR D 166 -12.33 9.85 -8.34
N SER D 167 -11.07 9.57 -8.09
CA SER D 167 -10.62 9.53 -6.71
C SER D 167 -9.71 10.71 -6.43
N SER D 168 -8.60 10.45 -5.76
CA SER D 168 -7.67 11.49 -5.32
C SER D 168 -6.45 10.84 -4.67
N PRO D 169 -5.30 11.49 -4.65
CA PRO D 169 -4.22 11.02 -3.77
C PRO D 169 -4.65 10.92 -2.32
N LEU D 170 -5.65 11.71 -1.92
CA LEU D 170 -6.18 11.63 -0.56
C LEU D 170 -7.08 10.42 -0.34
N ALA D 171 -7.14 9.50 -1.30
CA ALA D 171 -7.74 8.19 -1.08
C ALA D 171 -6.76 7.22 -0.44
N THR D 172 -5.46 7.54 -0.45
CA THR D 172 -4.44 6.63 0.05
C THR D 172 -3.50 7.30 1.06
N ARG D 173 -3.72 8.56 1.39
CA ARG D 173 -2.92 9.17 2.45
C ARG D 173 -3.80 10.19 3.15
N GLY D 174 -3.37 10.56 4.35
CA GLY D 174 -4.14 11.49 5.16
C GLY D 174 -3.99 12.92 4.66
N GLY D 175 -4.87 13.78 5.16
CA GLY D 175 -4.81 15.20 4.85
C GLY D 175 -4.59 16.03 6.10
N HIS D 176 -4.00 17.22 5.91
CA HIS D 176 -3.88 18.18 6.99
C HIS D 176 -5.18 18.92 7.20
N VAL D 177 -6.00 18.97 6.16
CA VAL D 177 -7.28 19.65 6.14
C VAL D 177 -8.23 18.77 5.35
N ASP D 178 -9.50 19.17 5.33
CA ASP D 178 -10.49 18.51 4.48
C ASP D 178 -10.62 17.03 4.86
N THR D 179 -10.64 16.78 6.17
CA THR D 179 -10.70 15.41 6.69
C THR D 179 -11.95 14.68 6.19
N ASP D 180 -13.07 15.40 6.07
CA ASP D 180 -14.26 14.74 5.55
C ASP D 180 -14.04 14.28 4.11
N TYR D 181 -13.38 15.12 3.29
CA TYR D 181 -13.06 14.73 1.91
C TYR D 181 -12.12 13.54 1.88
N VAL D 182 -11.10 13.53 2.73
CA VAL D 182 -10.15 12.40 2.76
C VAL D 182 -10.89 11.11 3.06
N MET D 183 -11.72 11.11 4.11
CA MET D 183 -12.46 9.91 4.46
C MET D 183 -13.35 9.48 3.31
N SER D 184 -13.98 10.46 2.63
CA SER D 184 -14.90 10.09 1.53
C SER D 184 -14.15 9.44 0.38
N LYS D 185 -12.93 9.89 0.10
CA LYS D 185 -12.21 9.31 -1.04
C LYS D 185 -11.56 7.97 -0.70
N HIS D 186 -11.14 7.79 0.55
CA HIS D 186 -10.80 6.45 1.04
C HIS D 186 -11.96 5.49 0.83
N ALA D 187 -13.16 5.92 1.20
CA ALA D 187 -14.34 5.07 1.03
C ALA D 187 -14.61 4.77 -0.43
N VAL D 188 -14.36 5.73 -1.33
CA VAL D 188 -14.54 5.46 -2.76
C VAL D 188 -13.58 4.38 -3.21
N LEU D 189 -12.34 4.42 -2.75
CA LEU D 189 -11.40 3.36 -3.12
C LEU D 189 -11.89 1.99 -2.60
N GLY D 190 -12.43 1.94 -1.38
CA GLY D 190 -12.97 0.66 -0.91
C GLY D 190 -14.12 0.19 -1.77
N LEU D 191 -14.94 1.13 -2.23
CA LEU D 191 -16.04 0.76 -3.12
C LEU D 191 -15.51 0.23 -4.45
N VAL D 192 -14.48 0.87 -5.01
CA VAL D 192 -13.90 0.41 -6.28
C VAL D 192 -13.33 -1.00 -6.13
N ARG D 193 -12.53 -1.23 -5.06
CA ARG D 193 -11.97 -2.56 -4.83
C ARG D 193 -13.07 -3.62 -4.71
N SER D 194 -14.10 -3.34 -3.90
CA SER D 194 -15.18 -4.31 -3.68
C SER D 194 -15.97 -4.55 -4.97
N ALA D 195 -16.33 -3.47 -5.67
CA ALA D 195 -17.12 -3.64 -6.89
C ALA D 195 -16.34 -4.41 -7.94
N SER D 196 -15.03 -4.17 -8.04
CA SER D 196 -14.29 -4.90 -9.05
C SER D 196 -14.28 -6.38 -8.72
N MET D 197 -14.23 -6.74 -7.42
CA MET D 197 -14.28 -8.13 -7.02
C MET D 197 -15.64 -8.75 -7.33
N GLN D 198 -16.70 -8.02 -7.05
CA GLN D 198 -18.04 -8.56 -7.18
C GLN D 198 -18.57 -8.52 -8.61
N LEU D 199 -18.09 -7.60 -9.46
CA LEU D 199 -18.67 -7.44 -10.80
C LEU D 199 -17.82 -8.05 -11.88
N GLY D 200 -16.60 -8.51 -11.56
CA GLY D 200 -15.78 -9.21 -12.55
C GLY D 200 -16.49 -10.41 -13.15
N ALA D 201 -17.34 -11.08 -12.37
CA ALA D 201 -18.07 -12.23 -12.89
C ALA D 201 -18.93 -11.86 -14.10
N HIS D 202 -19.32 -10.59 -14.23
CA HIS D 202 -20.08 -10.12 -15.38
C HIS D 202 -19.20 -9.46 -16.44
N GLY D 203 -17.88 -9.57 -16.32
CA GLY D 203 -17.03 -8.88 -17.26
C GLY D 203 -16.96 -7.39 -17.09
N ILE D 204 -17.44 -6.84 -15.99
CA ILE D 204 -17.39 -5.41 -15.76
C ILE D 204 -16.10 -5.07 -15.02
N ARG D 205 -15.37 -4.11 -15.53
CA ARG D 205 -14.14 -3.62 -14.89
C ARG D 205 -14.45 -2.34 -14.12
N VAL D 206 -13.92 -2.25 -12.90
CA VAL D 206 -14.14 -1.10 -12.04
C VAL D 206 -12.79 -0.57 -11.59
N ASN D 207 -12.51 0.70 -11.88
CA ASN D 207 -11.21 1.31 -11.60
C ASN D 207 -11.43 2.74 -11.14
N SER D 208 -10.37 3.40 -10.71
CA SER D 208 -10.49 4.81 -10.39
C SER D 208 -9.32 5.57 -10.99
N VAL D 209 -9.49 6.88 -11.08
CA VAL D 209 -8.43 7.77 -11.52
C VAL D 209 -8.27 8.82 -10.44
N SER D 210 -7.03 9.04 -10.00
CA SER D 210 -6.74 9.92 -8.86
C SER D 210 -5.82 11.05 -9.33
N PRO D 211 -6.37 12.18 -9.75
CA PRO D 211 -5.53 13.30 -10.19
C PRO D 211 -5.13 14.20 -9.03
N MET D 212 -4.02 14.94 -9.23
CA MET D 212 -3.60 15.82 -8.15
C MET D 212 -4.37 17.14 -8.22
N ALA D 213 -3.82 18.18 -8.82
CA ALA D 213 -4.49 19.48 -8.82
C ALA D 213 -4.78 19.90 -10.24
N VAL D 214 -6.06 20.02 -10.57
CA VAL D 214 -6.55 20.45 -11.87
C VAL D 214 -7.27 21.78 -11.66
N LEU D 215 -6.98 22.78 -12.50
CA LEU D 215 -7.69 24.05 -12.42
C LEU D 215 -9.13 23.83 -12.85
N THR D 216 -10.06 23.88 -11.89
CA THR D 216 -11.49 23.73 -12.11
C THR D 216 -12.17 24.70 -11.18
N PRO D 217 -13.49 24.84 -11.27
CA PRO D 217 -14.21 25.65 -10.27
C PRO D 217 -14.02 25.15 -8.85
N LEU D 218 -13.80 23.84 -8.67
CA LEU D 218 -13.53 23.31 -7.33
C LEU D 218 -12.21 23.85 -6.80
N THR D 219 -11.14 23.73 -7.58
CA THR D 219 -9.86 24.15 -7.06
C THR D 219 -9.77 25.67 -6.94
N ARG D 220 -10.54 26.43 -7.70
CA ARG D 220 -10.41 27.85 -7.43
C ARG D 220 -11.22 28.28 -6.20
N ARG D 221 -12.27 27.53 -5.82
CA ARG D 221 -12.88 27.76 -4.52
C ARG D 221 -11.89 27.51 -3.38
N MET D 222 -10.85 26.70 -3.60
CA MET D 222 -9.80 26.55 -2.60
C MET D 222 -8.69 27.60 -2.73
N GLY D 223 -8.78 28.51 -3.69
CA GLY D 223 -7.75 29.52 -3.85
C GLY D 223 -6.71 29.25 -4.91
N LEU D 224 -6.92 28.28 -5.78
CA LEU D 224 -6.03 28.03 -6.91
C LEU D 224 -6.75 28.42 -8.19
N ALA D 225 -6.42 29.59 -8.74
CA ALA D 225 -7.06 30.05 -9.96
C ALA D 225 -6.18 29.94 -11.19
N THR D 226 -4.87 30.06 -11.04
CA THR D 226 -3.96 30.11 -12.17
C THR D 226 -2.93 29.01 -12.08
N PRO D 227 -2.36 28.59 -13.20
CA PRO D 227 -1.26 27.61 -13.15
C PRO D 227 -0.13 28.05 -12.23
N ALA D 228 0.05 29.37 -12.03
CA ALA D 228 1.08 29.84 -11.12
C ALA D 228 0.73 29.53 -9.67
N ASP D 229 -0.54 29.73 -9.31
CA ASP D 229 -1.01 29.29 -8.00
C ASP D 229 -0.72 27.81 -7.78
N VAL D 230 -0.99 26.96 -8.78
CA VAL D 230 -0.72 25.53 -8.63
C VAL D 230 0.75 25.28 -8.37
N GLU D 231 1.61 25.74 -9.28
CA GLU D 231 3.04 25.50 -9.11
C GLU D 231 3.53 26.05 -7.78
N ASN D 232 3.05 27.22 -7.39
CA ASN D 232 3.49 27.80 -6.13
C ASN D 232 3.02 26.97 -4.94
N ALA D 233 1.86 26.32 -5.05
CA ALA D 233 1.36 25.51 -3.96
C ALA D 233 2.00 24.13 -3.93
N LEU D 234 2.17 23.50 -5.10
CA LEU D 234 2.48 22.08 -5.18
C LEU D 234 3.81 21.75 -5.85
N GLY D 235 4.42 22.68 -6.59
CA GLY D 235 5.56 22.30 -7.40
C GLY D 235 6.68 21.69 -6.59
N ARG D 236 6.97 22.27 -5.44
CA ARG D 236 8.00 21.75 -4.55
C ARG D 236 7.71 20.31 -4.13
N PHE D 237 6.44 19.90 -4.11
CA PHE D 237 6.06 18.57 -3.67
C PHE D 237 5.83 17.59 -4.81
N THR D 238 6.07 18.01 -6.05
CA THR D 238 5.79 17.24 -7.26
C THR D 238 7.11 16.85 -7.90
N SER D 239 7.31 15.57 -8.17
CA SER D 239 8.60 15.13 -8.71
C SER D 239 8.77 15.58 -10.15
N LEU D 240 7.71 15.51 -10.94
CA LEU D 240 7.77 15.73 -12.37
C LEU D 240 7.76 17.22 -12.65
N LYS D 241 8.79 17.70 -13.34
CA LYS D 241 8.96 19.11 -13.61
C LYS D 241 8.73 19.38 -15.09
N GLY D 242 8.33 20.60 -15.40
CA GLY D 242 8.17 21.00 -16.78
C GLY D 242 6.88 20.61 -17.45
N VAL D 243 5.89 20.13 -16.70
CA VAL D 243 4.57 19.87 -17.28
C VAL D 243 3.50 20.15 -16.23
N ALA D 244 2.41 20.75 -16.67
CA ALA D 244 1.28 21.09 -15.82
C ALA D 244 0.14 20.11 -16.03
N LEU D 245 -0.44 19.63 -14.92
CA LEU D 245 -1.58 18.72 -15.02
C LEU D 245 -2.81 19.48 -15.52
N THR D 246 -3.42 18.96 -16.58
CA THR D 246 -4.64 19.49 -17.16
C THR D 246 -5.78 18.51 -16.99
N ALA D 247 -7.00 19.02 -17.16
CA ALA D 247 -8.17 18.17 -17.14
C ALA D 247 -8.14 17.17 -18.29
N GLU D 248 -7.57 17.55 -19.43
CA GLU D 248 -7.41 16.61 -20.54
C GLU D 248 -6.58 15.40 -20.13
N HIS D 249 -5.53 15.63 -19.34
CA HIS D 249 -4.72 14.52 -18.84
C HIS D 249 -5.58 13.51 -18.07
N VAL D 250 -6.46 14.02 -17.19
CA VAL D 250 -7.31 13.14 -16.40
C VAL D 250 -8.29 12.40 -17.30
N ALA D 251 -8.90 13.12 -18.24
CA ALA D 251 -9.81 12.47 -19.18
C ALA D 251 -9.11 11.41 -20.01
N GLU D 252 -7.86 11.65 -20.41
CA GLU D 252 -7.14 10.64 -21.19
C GLU D 252 -6.89 9.38 -20.38
N ALA D 253 -6.53 9.50 -19.10
CA ALA D 253 -6.40 8.32 -18.25
C ALA D 253 -7.72 7.56 -18.17
N ALA D 254 -8.82 8.29 -18.02
CA ALA D 254 -10.12 7.63 -17.91
C ALA D 254 -10.54 6.97 -19.21
N ALA D 255 -10.22 7.59 -20.36
CA ALA D 255 -10.56 6.97 -21.64
C ALA D 255 -9.73 5.72 -21.89
N PHE D 256 -8.47 5.72 -21.45
CA PHE D 256 -7.69 4.50 -21.50
C PHE D 256 -8.34 3.38 -20.69
N LEU D 257 -8.73 3.68 -19.44
CA LEU D 257 -9.35 2.66 -18.59
C LEU D 257 -10.67 2.17 -19.19
N ALA D 258 -11.43 3.05 -19.83
CA ALA D 258 -12.70 2.67 -20.41
C ALA D 258 -12.57 1.87 -21.70
N SER D 259 -11.40 1.87 -22.32
CA SER D 259 -11.15 1.30 -23.63
C SER D 259 -10.63 -0.13 -23.54
N ASP D 260 -10.61 -0.81 -24.68
CA ASP D 260 -10.04 -2.14 -24.73
C ASP D 260 -8.52 -2.14 -24.59
N GLU D 261 -7.89 -0.97 -24.56
CA GLU D 261 -6.47 -0.93 -24.24
C GLU D 261 -6.23 -1.39 -22.81
N ALA D 262 -7.28 -1.42 -22.00
CA ALA D 262 -7.22 -1.81 -20.60
C ALA D 262 -8.16 -2.97 -20.34
N ALA D 263 -8.23 -3.91 -21.28
CA ALA D 263 -9.23 -4.98 -21.21
C ALA D 263 -9.09 -5.88 -19.99
N PHE D 264 -7.90 -5.91 -19.37
CA PHE D 264 -7.67 -6.81 -18.23
C PHE D 264 -7.38 -6.04 -16.94
N ILE D 265 -7.65 -4.73 -16.91
CA ILE D 265 -7.35 -3.89 -15.76
C ILE D 265 -8.65 -3.66 -14.98
N THR D 266 -8.70 -4.15 -13.75
CA THR D 266 -9.83 -3.88 -12.87
C THR D 266 -9.33 -3.83 -11.42
N GLY D 267 -10.07 -3.12 -10.58
CA GLY D 267 -9.67 -2.93 -9.20
C GLY D 267 -8.48 -2.02 -9.01
N HIS D 268 -8.13 -1.22 -10.01
CA HIS D 268 -6.90 -0.46 -10.02
C HIS D 268 -7.15 1.03 -9.80
N ASP D 269 -6.27 1.66 -9.04
CA ASP D 269 -6.29 3.11 -8.82
C ASP D 269 -5.18 3.70 -9.68
N LEU D 270 -5.56 4.29 -10.81
CA LEU D 270 -4.64 4.90 -11.77
C LEU D 270 -4.32 6.31 -11.29
N VAL D 271 -3.14 6.50 -10.71
CA VAL D 271 -2.73 7.75 -10.08
C VAL D 271 -2.10 8.67 -11.12
N VAL D 272 -2.60 9.90 -11.18
CA VAL D 272 -2.12 10.91 -12.12
C VAL D 272 -1.67 12.13 -11.33
N ASP D 273 -0.49 12.06 -10.72
CA ASP D 273 -0.09 13.06 -9.74
C ASP D 273 1.34 13.59 -9.90
N GLY D 274 2.01 13.27 -10.99
CA GLY D 274 3.36 13.77 -11.23
C GLY D 274 4.38 13.36 -10.19
N GLY D 275 4.17 12.23 -9.52
CA GLY D 275 5.09 11.82 -8.47
C GLY D 275 4.98 12.70 -7.25
N LEU D 276 3.78 12.79 -6.68
CA LEU D 276 3.53 13.62 -5.51
C LEU D 276 4.32 13.09 -4.32
N LEU D 277 5.14 13.95 -3.71
CA LEU D 277 5.94 13.49 -2.58
C LEU D 277 5.15 13.56 -1.27
N CYS D 278 4.34 14.58 -1.10
CA CYS D 278 3.46 14.71 0.06
C CYS D 278 2.53 15.87 -0.23
N LEU D 279 1.52 16.03 0.62
CA LEU D 279 0.78 17.27 0.48
C LEU D 279 1.50 18.40 1.21
N PRO D 280 1.32 19.64 0.76
CA PRO D 280 2.03 20.82 1.27
C PRO D 280 1.98 20.94 2.80
#